data_5FYP
#
_entry.id   5FYP
#
_cell.length_a   135.210
_cell.length_b   135.210
_cell.length_c   112.470
_cell.angle_alpha   90.00
_cell.angle_beta   90.00
_cell.angle_gamma   90.00
#
_symmetry.space_group_name_H-M   'P 43 21 2'
#
loop_
_entity.id
_entity.type
_entity.pdbx_description
1 polymer 'PHOSPHOINOSITOL-SPECIFIC PHOSPHOLIPASE C'
2 non-polymer 'SULFATE ION'
3 non-polymer 'THIOCYANATE ION'
4 non-polymer DI(HYDROXYETHYL)ETHER
5 non-polymer 'CALCIUM ION'
6 water water
#
_entity_poly.entity_id   1
_entity_poly.type   'polypeptide(L)'
_entity_poly.pdbx_seq_one_letter_code
;AQESPAFIDPASWNTPFNGIAQVACHNCYEKQYANTFSSVLDSVRTLELDFWDQRDAVSGGSPHHWFVRHNPGTLFQSGN
DNNCTGDGTGKNDLEACLNDVKNWSDKHPGHFPITLILDKKQGWSKESSGRTPKDFDELVARVFQGKLFTPQDLATHIGS
GAGALQGNLKGKSWPTANDLQGKVLLVLNHSENQKLSQYAEARTSKAKVFISPVTNGQNDISGKVSGMSSQSSGYVAMNN
MGKGDKSWAKQAFAYSHIGRVWGDDEVSFAQHINQKINLSAYYRFAAQSAGGYRIRPF
;
_entity_poly.pdbx_strand_id   A,B,C,D
#
# COMPACT_ATOMS: atom_id res chain seq x y z
N GLN A 2 1.89 22.65 17.72
CA GLN A 2 1.11 21.82 18.71
C GLN A 2 0.54 20.58 18.02
N GLU A 3 0.82 19.39 18.56
CA GLU A 3 0.34 18.16 17.89
C GLU A 3 -1.16 18.00 18.03
N SER A 4 -1.75 17.16 17.20
CA SER A 4 -3.19 16.93 17.28
C SER A 4 -3.65 15.50 16.97
N PRO A 5 -3.04 14.49 17.61
CA PRO A 5 -3.56 13.13 17.41
C PRO A 5 -4.98 13.08 17.97
N ALA A 6 -5.78 12.20 17.42
CA ALA A 6 -7.22 12.11 17.78
C ALA A 6 -7.47 11.80 19.24
N PHE A 7 -6.54 11.11 19.89
CA PHE A 7 -6.77 10.68 21.26
C PHE A 7 -6.66 11.80 22.28
N ILE A 8 -6.18 12.98 21.88
CA ILE A 8 -6.02 14.10 22.81
C ILE A 8 -7.18 15.06 22.64
N ASP A 9 -7.94 15.25 23.71
CA ASP A 9 -9.00 16.28 23.69
C ASP A 9 -8.33 17.64 23.51
N PRO A 10 -8.74 18.43 22.48
CA PRO A 10 -8.09 19.71 22.25
C PRO A 10 -8.19 20.68 23.45
N ALA A 11 -9.18 20.49 24.31
CA ALA A 11 -9.33 21.33 25.51
C ALA A 11 -8.16 21.11 26.49
N SER A 12 -7.42 20.02 26.33
CA SER A 12 -6.30 19.73 27.21
C SER A 12 -5.18 20.78 27.14
N TRP A 13 -4.99 21.37 25.97
CA TRP A 13 -3.80 22.19 25.74
C TRP A 13 -3.72 23.40 26.65
N ASN A 14 -4.85 24.05 26.89
N ASN A 14 -4.84 24.05 26.89
CA ASN A 14 -4.88 25.21 27.77
CA ASN A 14 -4.87 25.21 27.80
C ASN A 14 -5.20 24.86 29.23
C ASN A 14 -5.19 24.85 29.23
N THR A 15 -5.11 23.57 29.59
CA THR A 15 -5.39 23.14 30.95
C THR A 15 -4.07 22.93 31.67
N PRO A 16 -3.96 23.37 32.94
CA PRO A 16 -2.81 23.02 33.77
C PRO A 16 -2.59 21.51 33.78
N PHE A 17 -1.34 21.09 33.79
CA PHE A 17 -1.07 19.65 33.71
C PHE A 17 -1.76 18.84 34.79
N ASN A 18 -1.84 19.41 36.00
CA ASN A 18 -2.51 18.76 37.11
C ASN A 18 -4.03 18.63 36.94
N GLY A 19 -4.60 19.40 36.01
CA GLY A 19 -6.02 19.28 35.67
C GLY A 19 -6.33 18.37 34.52
N ILE A 20 -5.36 17.58 34.06
CA ILE A 20 -5.52 16.69 32.93
C ILE A 20 -5.48 15.24 33.40
N ALA A 21 -6.46 14.47 32.93
CA ALA A 21 -6.53 13.02 33.12
C ALA A 21 -5.99 12.31 31.89
N GLN A 22 -5.27 11.23 32.13
CA GLN A 22 -4.65 10.44 31.09
C GLN A 22 -4.83 8.96 31.32
N VAL A 23 -4.93 8.22 30.23
CA VAL A 23 -4.62 6.79 30.21
C VAL A 23 -3.09 6.67 30.14
N ALA A 24 -2.55 5.88 31.04
CA ALA A 24 -1.12 5.57 31.09
C ALA A 24 -0.96 4.08 30.83
N CYS A 25 0.23 3.68 30.40
CA CYS A 25 0.50 2.27 30.30
C CYS A 25 0.84 1.70 31.68
N HIS A 26 0.82 0.38 31.79
CA HIS A 26 1.37 -0.32 32.92
C HIS A 26 2.42 -1.32 32.38
N ASN A 27 3.70 -1.07 32.67
CA ASN A 27 4.76 -1.97 32.26
C ASN A 27 4.83 -2.18 30.75
N CYS A 28 4.61 -1.12 29.98
CA CYS A 28 4.57 -1.27 28.52
C CYS A 28 5.86 -1.50 27.80
N TYR A 29 6.96 -1.55 28.55
CA TYR A 29 8.23 -2.07 28.03
C TYR A 29 8.22 -3.58 27.81
N GLU A 30 7.27 -4.30 28.38
CA GLU A 30 7.20 -5.73 28.19
C GLU A 30 6.67 -6.06 26.80
N LYS A 31 7.31 -7.05 26.18
CA LYS A 31 6.97 -7.45 24.81
C LYS A 31 5.51 -7.81 24.67
N GLN A 32 4.94 -8.38 25.73
CA GLN A 32 3.53 -8.80 25.69
C GLN A 32 2.53 -7.66 25.60
N TYR A 33 2.95 -6.43 25.93
CA TYR A 33 2.03 -5.30 25.95
C TYR A 33 2.17 -4.35 24.77
N ALA A 34 3.28 -4.46 24.03
CA ALA A 34 3.50 -3.61 22.86
C ALA A 34 4.62 -4.24 22.03
N ASN A 35 4.53 -4.10 20.73
CA ASN A 35 5.55 -4.70 19.85
C ASN A 35 6.89 -3.94 19.94
N THR A 36 6.80 -2.62 20.08
CA THR A 36 7.97 -1.77 20.33
C THR A 36 7.60 -0.77 21.40
N PHE A 37 8.59 -0.33 22.16
CA PHE A 37 8.36 0.68 23.18
C PHE A 37 7.85 1.97 22.50
N SER A 38 8.49 2.35 21.40
N SER A 38 8.49 2.36 21.39
CA SER A 38 8.12 3.59 20.71
CA SER A 38 8.11 3.60 20.69
C SER A 38 6.66 3.58 20.24
C SER A 38 6.66 3.58 20.24
N SER A 39 6.15 2.41 19.85
CA SER A 39 4.76 2.31 19.37
C SER A 39 3.75 2.70 20.44
N VAL A 40 4.10 2.62 21.73
CA VAL A 40 3.18 2.98 22.80
C VAL A 40 2.74 4.45 22.61
N LEU A 41 3.65 5.29 22.11
CA LEU A 41 3.38 6.71 21.87
C LEU A 41 2.41 6.95 20.71
N ASP A 42 2.01 5.90 19.99
CA ASP A 42 0.86 6.06 19.06
C ASP A 42 -0.47 6.18 19.80
N SER A 43 -0.47 5.81 21.09
CA SER A 43 -1.73 5.71 21.86
C SER A 43 -1.82 6.56 23.10
N VAL A 44 -0.70 6.76 23.80
CA VAL A 44 -0.67 7.45 25.11
C VAL A 44 0.58 8.32 25.19
N ARG A 45 0.66 9.14 26.26
CA ARG A 45 1.77 10.02 26.54
C ARG A 45 2.42 9.74 27.90
N THR A 46 2.03 8.64 28.53
CA THR A 46 2.62 8.24 29.83
C THR A 46 2.99 6.79 29.74
N LEU A 47 4.28 6.53 29.95
CA LEU A 47 4.91 5.20 29.75
C LEU A 47 5.60 4.76 31.01
N GLU A 48 6.16 3.55 31.03
CA GLU A 48 6.75 2.98 32.24
C GLU A 48 7.91 2.07 31.87
N LEU A 49 8.96 2.15 32.67
CA LEU A 49 10.15 1.31 32.58
C LEU A 49 10.46 0.77 33.96
N ASP A 50 10.63 -0.57 34.08
CA ASP A 50 11.16 -1.17 35.31
C ASP A 50 12.65 -1.35 35.14
N PHE A 51 13.45 -0.85 36.10
CA PHE A 51 14.89 -0.87 35.87
C PHE A 51 15.66 -1.44 37.05
N TRP A 52 16.64 -2.24 36.68
CA TRP A 52 17.45 -3.07 37.61
C TRP A 52 18.90 -2.66 37.51
N ASP A 53 19.58 -2.70 38.64
CA ASP A 53 21.02 -2.47 38.66
C ASP A 53 21.80 -3.65 38.10
N GLN A 54 21.33 -4.86 38.42
N GLN A 54 21.33 -4.86 38.40
CA GLN A 54 22.07 -6.10 38.15
CA GLN A 54 22.08 -6.07 38.09
C GLN A 54 21.40 -6.88 37.00
C GLN A 54 21.39 -6.90 37.01
N ARG A 55 22.15 -7.78 36.39
CA ARG A 55 21.64 -8.66 35.32
C ARG A 55 20.66 -9.66 35.87
N ASP A 56 20.93 -10.12 37.07
CA ASP A 56 19.98 -10.89 37.87
C ASP A 56 19.82 -10.18 39.21
N ALA A 57 19.52 -10.88 40.29
CA ALA A 57 19.34 -10.25 41.58
C ALA A 57 20.64 -9.86 42.27
N VAL A 58 21.75 -10.43 41.85
CA VAL A 58 22.99 -10.37 42.63
C VAL A 58 24.25 -10.11 41.84
N SER A 59 24.16 -9.99 40.52
CA SER A 59 25.35 -9.97 39.69
C SER A 59 25.13 -9.30 38.35
N GLY A 60 26.22 -8.87 37.74
CA GLY A 60 26.23 -8.39 36.37
C GLY A 60 25.98 -6.93 36.10
N GLY A 61 25.96 -6.11 37.14
CA GLY A 61 25.89 -4.67 36.91
C GLY A 61 27.16 -4.05 36.32
N SER A 62 26.99 -2.87 35.73
CA SER A 62 28.12 -2.06 35.26
C SER A 62 27.87 -0.60 35.58
N PRO A 63 28.93 0.21 35.62
CA PRO A 63 28.69 1.60 36.01
C PRO A 63 27.87 2.36 34.99
N HIS A 64 27.05 3.28 35.49
CA HIS A 64 26.36 4.24 34.60
C HIS A 64 25.36 3.58 33.66
N HIS A 65 24.88 2.40 34.06
N HIS A 65 24.90 2.40 34.04
CA HIS A 65 24.05 1.53 33.25
CA HIS A 65 24.01 1.58 33.20
C HIS A 65 23.02 0.84 34.11
C HIS A 65 23.03 0.84 34.09
N TRP A 66 21.83 0.65 33.56
CA TRP A 66 20.80 -0.16 34.22
C TRP A 66 20.11 -1.02 33.16
N PHE A 67 19.56 -2.16 33.61
CA PHE A 67 18.82 -3.08 32.76
C PHE A 67 17.33 -2.77 32.83
N VAL A 68 16.57 -3.19 31.82
CA VAL A 68 15.11 -3.07 31.84
C VAL A 68 14.52 -4.46 31.60
N ARG A 69 13.74 -4.90 32.60
CA ARG A 69 13.04 -6.19 32.58
C ARG A 69 12.04 -6.20 33.73
N HIS A 70 11.16 -7.19 33.72
CA HIS A 70 10.18 -7.30 34.78
C HIS A 70 10.68 -8.09 36.00
N ASN A 71 11.22 -9.26 35.76
CA ASN A 71 11.54 -10.17 36.84
C ASN A 71 12.97 -10.06 37.34
N PRO A 72 13.25 -10.52 38.58
CA PRO A 72 14.63 -10.41 39.09
C PRO A 72 15.66 -11.11 38.24
N GLY A 73 15.30 -12.23 37.64
CA GLY A 73 16.22 -12.93 36.71
C GLY A 73 17.12 -14.03 37.35
N SER A 78 16.50 -12.88 32.57
CA SER A 78 17.48 -11.95 33.15
C SER A 78 17.93 -10.88 32.13
N GLY A 79 18.74 -9.94 32.59
CA GLY A 79 19.35 -9.01 31.67
C GLY A 79 18.31 -8.03 31.23
N ASN A 80 18.22 -7.84 29.92
CA ASN A 80 17.22 -7.00 29.33
C ASN A 80 16.16 -7.89 28.71
N ASP A 81 14.91 -7.61 29.04
CA ASP A 81 13.76 -8.34 28.51
C ASP A 81 12.67 -7.32 28.27
N ASN A 82 12.67 -6.74 27.07
CA ASN A 82 11.82 -5.59 26.79
C ASN A 82 11.72 -5.39 25.29
N ASN A 83 10.87 -4.43 24.92
CA ASN A 83 10.55 -4.11 23.51
C ASN A 83 11.24 -2.84 23.02
N CYS A 84 12.28 -2.39 23.71
CA CYS A 84 13.07 -1.24 23.25
C CYS A 84 14.04 -1.62 22.14
N THR A 85 14.49 -0.62 21.38
CA THR A 85 15.51 -0.85 20.33
C THR A 85 16.91 -1.23 20.86
N LYS A 91 22.14 -4.06 22.45
CA LYS A 91 21.87 -3.88 23.90
C LYS A 91 20.71 -2.94 24.25
N ASN A 92 19.57 -3.54 24.56
CA ASN A 92 18.35 -2.80 24.85
C ASN A 92 18.19 -2.56 26.36
N ASP A 93 19.04 -1.70 26.88
CA ASP A 93 19.11 -1.37 28.29
C ASP A 93 18.27 -0.13 28.62
N LEU A 94 18.41 0.40 29.83
CA LEU A 94 17.67 1.58 30.20
C LEU A 94 17.94 2.73 29.27
N GLU A 95 19.23 2.98 29.02
CA GLU A 95 19.60 4.08 28.13
C GLU A 95 18.96 3.94 26.76
N ALA A 96 18.94 2.72 26.24
CA ALA A 96 18.33 2.48 24.93
C ALA A 96 16.82 2.81 24.94
N CYS A 97 16.14 2.37 25.98
CA CYS A 97 14.72 2.65 26.14
C CYS A 97 14.45 4.16 26.23
N LEU A 98 15.28 4.84 27.01
CA LEU A 98 15.15 6.29 27.12
C LEU A 98 15.39 6.96 25.76
N ASN A 99 16.37 6.49 25.01
CA ASN A 99 16.62 7.03 23.68
C ASN A 99 15.49 6.81 22.70
N ASP A 100 14.75 5.71 22.86
CA ASP A 100 13.56 5.52 22.02
C ASP A 100 12.56 6.66 22.26
N VAL A 101 12.39 7.09 23.51
CA VAL A 101 11.50 8.21 23.84
C VAL A 101 12.07 9.51 23.28
N LYS A 102 13.36 9.72 23.50
CA LYS A 102 14.02 10.95 23.04
C LYS A 102 13.87 11.10 21.51
N ASN A 103 14.10 10.01 20.79
CA ASN A 103 13.98 10.01 19.35
C ASN A 103 12.54 10.26 18.87
N TRP A 104 11.56 9.63 19.52
CA TRP A 104 10.16 9.90 19.18
C TRP A 104 9.87 11.39 19.40
N SER A 105 10.34 11.93 20.52
CA SER A 105 10.14 13.35 20.83
C SER A 105 10.73 14.26 19.73
N ASP A 106 11.97 13.99 19.31
CA ASP A 106 12.57 14.76 18.24
C ASP A 106 11.76 14.73 16.92
N LYS A 107 11.13 13.58 16.68
CA LYS A 107 10.33 13.41 15.45
C LYS A 107 8.92 14.01 15.53
N HIS A 108 8.51 14.44 16.72
CA HIS A 108 7.18 15.01 16.95
C HIS A 108 7.27 16.33 17.71
N PRO A 109 7.88 17.34 17.09
CA PRO A 109 7.89 18.65 17.70
C PRO A 109 6.45 19.09 18.04
N GLY A 110 6.33 19.73 19.18
CA GLY A 110 5.03 20.19 19.64
C GLY A 110 4.23 19.15 20.39
N HIS A 111 4.87 18.02 20.74
CA HIS A 111 4.11 16.98 21.37
C HIS A 111 3.62 17.35 22.77
N PHE A 112 2.48 16.79 23.12
CA PHE A 112 1.99 16.82 24.48
C PHE A 112 3.08 16.27 25.39
N PRO A 113 3.27 16.82 26.60
CA PRO A 113 4.37 16.35 27.43
C PRO A 113 4.31 14.86 27.71
N ILE A 114 5.48 14.23 27.63
CA ILE A 114 5.59 12.78 27.91
C ILE A 114 6.00 12.59 29.35
N THR A 115 5.31 11.69 30.05
CA THR A 115 5.66 11.34 31.40
C THR A 115 6.16 9.90 31.39
N LEU A 116 7.35 9.68 31.95
CA LEU A 116 7.97 8.35 32.05
C LEU A 116 8.08 7.95 33.49
N ILE A 117 7.38 6.88 33.84
CA ILE A 117 7.44 6.30 35.18
C ILE A 117 8.61 5.33 35.20
N LEU A 118 9.61 5.65 36.03
CA LEU A 118 10.84 4.88 36.18
C LEU A 118 10.72 4.12 37.49
N ASP A 119 10.34 2.85 37.38
CA ASP A 119 10.03 2.00 38.51
C ASP A 119 11.29 1.21 38.88
N LYS A 120 11.99 1.73 39.91
CA LYS A 120 13.28 1.22 40.31
C LYS A 120 13.10 -0.06 41.12
N LYS A 121 13.87 -1.09 40.79
CA LYS A 121 13.66 -2.43 41.37
C LYS A 121 14.70 -2.87 42.39
N GLN A 122 15.84 -2.19 42.47
CA GLN A 122 16.89 -2.49 43.46
C GLN A 122 17.28 -1.17 44.14
N GLY A 123 18.19 -1.26 45.11
CA GLY A 123 18.66 -0.08 45.81
C GLY A 123 19.65 0.76 45.04
N TRP A 124 20.03 1.90 45.61
CA TRP A 124 21.06 2.74 45.02
C TRP A 124 22.42 2.11 45.29
N SER A 125 23.38 2.28 44.37
CA SER A 125 24.77 1.91 44.69
C SER A 125 25.49 3.04 45.39
N LYS A 126 26.66 2.70 45.92
CA LYS A 126 27.64 3.71 46.35
C LYS A 126 28.41 4.25 45.15
N GLU A 127 29.24 5.25 45.40
CA GLU A 127 29.93 5.97 44.32
C GLU A 127 30.77 5.04 43.46
N SER A 128 31.46 4.09 44.09
N SER A 128 31.50 4.11 44.09
CA SER A 128 32.36 3.21 43.36
CA SER A 128 32.45 3.29 43.32
C SER A 128 31.75 2.42 42.25
C SER A 128 31.78 2.40 42.27
N SER A 129 30.49 2.06 42.42
CA SER A 129 29.79 1.24 41.45
C SER A 129 29.07 2.03 40.36
N GLY A 130 29.03 3.35 40.46
CA GLY A 130 28.57 4.16 39.34
C GLY A 130 27.06 4.20 39.10
N ARG A 131 26.28 3.87 40.13
CA ARG A 131 24.81 3.87 40.03
C ARG A 131 24.17 4.56 41.23
N THR A 132 24.73 5.70 41.59
CA THR A 132 24.19 6.57 42.63
C THR A 132 23.05 7.44 42.05
N PRO A 133 22.31 8.14 42.93
CA PRO A 133 21.37 9.16 42.44
C PRO A 133 22.00 10.13 41.44
N LYS A 134 23.21 10.59 41.73
CA LYS A 134 23.88 11.51 40.83
C LYS A 134 24.14 10.87 39.44
N ASP A 135 24.59 9.60 39.45
CA ASP A 135 24.82 8.89 38.19
C ASP A 135 23.51 8.76 37.40
N PHE A 136 22.42 8.50 38.10
CA PHE A 136 21.12 8.39 37.45
C PHE A 136 20.70 9.71 36.82
N ASP A 137 20.84 10.81 37.57
CA ASP A 137 20.55 12.13 37.02
C ASP A 137 21.44 12.41 35.81
N GLU A 138 22.70 12.03 35.88
CA GLU A 138 23.60 12.32 34.79
C GLU A 138 23.18 11.56 33.52
N LEU A 139 22.74 10.31 33.68
CA LEU A 139 22.25 9.53 32.54
C LEU A 139 21.02 10.21 31.93
N VAL A 140 20.02 10.50 32.74
CA VAL A 140 18.79 11.00 32.14
C VAL A 140 19.01 12.38 31.49
N ALA A 141 19.88 13.18 32.09
CA ALA A 141 20.21 14.49 31.53
C ALA A 141 20.98 14.35 30.21
N ARG A 142 21.88 13.40 30.17
CA ARG A 142 22.66 13.14 28.94
C ARG A 142 21.77 12.71 27.79
N VAL A 143 20.79 11.86 28.10
CA VAL A 143 19.87 11.41 27.06
C VAL A 143 18.92 12.53 26.63
N PHE A 144 18.25 13.17 27.58
CA PHE A 144 17.15 14.09 27.26
C PHE A 144 17.54 15.55 27.09
N GLN A 145 18.67 15.92 27.68
CA GLN A 145 19.19 17.25 27.65
C GLN A 145 18.11 18.25 28.05
N GLY A 146 17.83 19.22 27.21
CA GLY A 146 16.91 20.24 27.56
C GLY A 146 15.46 19.88 27.48
N LYS A 147 15.12 18.62 27.13
CA LYS A 147 13.72 18.22 27.07
C LYS A 147 13.07 18.11 28.44
N LEU A 148 13.86 17.94 29.48
CA LEU A 148 13.29 17.67 30.81
C LEU A 148 12.59 18.88 31.42
N PHE A 149 11.51 18.59 32.11
CA PHE A 149 10.84 19.49 33.05
C PHE A 149 10.99 18.81 34.42
N THR A 150 11.59 19.51 35.36
CA THR A 150 12.03 18.94 36.63
C THR A 150 11.32 19.58 37.82
N PRO A 151 11.52 19.02 39.02
CA PRO A 151 10.91 19.64 40.20
C PRO A 151 11.27 21.11 40.41
N GLN A 152 12.53 21.48 40.22
CA GLN A 152 12.86 22.88 40.35
C GLN A 152 12.13 23.76 39.34
N ASP A 153 11.92 23.25 38.13
CA ASP A 153 11.17 24.02 37.14
C ASP A 153 9.75 24.29 37.62
N LEU A 154 9.11 23.27 38.22
CA LEU A 154 7.78 23.43 38.77
C LEU A 154 7.79 24.42 39.93
N ALA A 155 8.79 24.29 40.79
CA ALA A 155 8.93 25.17 41.95
C ALA A 155 9.03 26.63 41.53
N THR A 156 9.87 26.90 40.55
CA THR A 156 9.97 28.25 40.03
C THR A 156 8.63 28.72 39.47
N HIS A 157 7.93 27.86 38.74
CA HIS A 157 6.63 28.22 38.17
C HIS A 157 5.65 28.72 39.24
N ILE A 158 5.61 28.03 40.38
CA ILE A 158 4.67 28.38 41.46
C ILE A 158 5.26 29.33 42.50
N GLY A 159 6.50 29.76 42.34
CA GLY A 159 7.12 30.70 43.30
C GLY A 159 7.52 30.07 44.64
N SER A 160 7.90 28.78 44.61
CA SER A 160 8.27 28.03 45.81
C SER A 160 9.74 27.59 45.73
N GLY A 161 10.33 27.31 46.89
CA GLY A 161 11.50 26.45 46.90
C GLY A 161 11.13 25.02 46.51
N ALA A 162 12.05 24.31 45.87
CA ALA A 162 11.76 22.91 45.44
C ALA A 162 11.46 22.02 46.65
N GLY A 163 12.12 22.30 47.78
CA GLY A 163 11.92 21.57 49.02
C GLY A 163 10.66 21.90 49.76
N ALA A 164 9.81 22.74 49.19
CA ALA A 164 8.50 23.06 49.74
C ALA A 164 7.38 22.87 48.72
N LEU A 165 7.67 22.17 47.63
CA LEU A 165 6.62 21.83 46.66
C LEU A 165 5.45 21.13 47.32
N GLN A 166 5.74 20.24 48.26
CA GLN A 166 4.70 19.37 48.80
C GLN A 166 3.46 20.13 49.21
N GLY A 167 3.69 21.12 50.06
CA GLY A 167 2.60 21.95 50.57
C GLY A 167 2.31 23.19 49.75
N ASN A 168 3.32 23.76 49.09
CA ASN A 168 3.06 24.97 48.31
C ASN A 168 2.30 24.74 47.03
N LEU A 169 2.26 23.50 46.56
CA LEU A 169 1.43 23.19 45.39
C LEU A 169 -0.06 23.32 45.63
N LYS A 170 -0.50 23.21 46.89
CA LYS A 170 -1.91 23.27 47.17
C LYS A 170 -2.47 24.63 46.72
N GLY A 171 -3.48 24.59 45.89
CA GLY A 171 -4.09 25.82 45.37
C GLY A 171 -3.39 26.39 44.15
N LYS A 172 -2.40 25.67 43.64
CA LYS A 172 -1.62 26.19 42.50
C LYS A 172 -1.81 25.31 41.26
N SER A 173 -1.59 25.94 40.12
CA SER A 173 -1.65 25.28 38.82
C SER A 173 -0.24 25.01 38.31
N TRP A 174 -0.05 23.78 37.81
CA TRP A 174 1.14 23.49 37.00
C TRP A 174 1.08 24.28 35.69
N PRO A 175 2.21 24.37 34.96
CA PRO A 175 2.12 24.86 33.60
C PRO A 175 1.13 24.02 32.78
N THR A 176 0.59 24.64 31.75
CA THR A 176 -0.38 23.96 30.90
C THR A 176 0.30 22.96 30.00
N ALA A 177 -0.49 22.07 29.39
CA ALA A 177 0.08 21.19 28.37
C ALA A 177 0.75 21.98 27.25
N ASN A 178 0.13 23.08 26.82
CA ASN A 178 0.75 23.96 25.82
C ASN A 178 2.12 24.49 26.30
N ASP A 179 2.18 24.94 27.56
CA ASP A 179 3.43 25.41 28.12
C ASP A 179 4.50 24.30 28.11
N LEU A 180 4.04 23.06 28.27
CA LEU A 180 4.91 21.89 28.36
C LEU A 180 5.08 21.14 27.04
N GLN A 181 4.78 21.79 25.92
CA GLN A 181 4.99 21.14 24.63
C GLN A 181 6.43 20.72 24.48
N GLY A 182 6.62 19.51 23.96
CA GLY A 182 7.96 19.00 23.74
C GLY A 182 8.73 18.58 24.97
N LYS A 183 8.08 18.61 26.13
CA LYS A 183 8.77 18.28 27.38
C LYS A 183 8.63 16.80 27.74
N VAL A 184 9.59 16.35 28.55
CA VAL A 184 9.59 15.02 29.16
C VAL A 184 9.70 15.21 30.68
N LEU A 185 8.80 14.52 31.39
CA LEU A 185 8.78 14.48 32.86
C LEU A 185 9.14 13.08 33.31
N LEU A 186 10.13 12.96 34.18
CA LEU A 186 10.58 11.69 34.70
C LEU A 186 10.08 11.52 36.13
N VAL A 187 9.63 10.30 36.47
CA VAL A 187 9.03 10.05 37.78
C VAL A 187 9.70 8.82 38.36
N LEU A 188 10.11 8.87 39.61
CA LEU A 188 10.73 7.72 40.29
C LEU A 188 9.69 7.03 41.16
N ASN A 189 9.58 5.71 40.98
CA ASN A 189 8.83 4.84 41.89
C ASN A 189 9.78 3.79 42.45
N HIS A 190 9.37 3.19 43.56
CA HIS A 190 10.06 2.04 44.17
C HIS A 190 9.07 1.44 45.16
N SER A 191 9.21 0.17 45.49
N SER A 191 9.22 0.17 45.50
CA SER A 191 8.35 -0.40 46.53
CA SER A 191 8.36 -0.42 46.54
C SER A 191 8.55 0.26 47.90
C SER A 191 8.56 0.25 47.90
N GLU A 192 9.75 0.78 48.14
CA GLU A 192 10.15 1.38 49.43
C GLU A 192 10.36 2.87 49.27
N ASN A 193 9.56 3.65 49.99
CA ASN A 193 9.75 5.09 49.93
C ASN A 193 11.13 5.52 50.39
N GLN A 194 11.81 4.72 51.21
CA GLN A 194 13.17 5.02 51.61
C GLN A 194 14.08 5.31 50.40
N LYS A 195 13.90 4.57 49.30
CA LYS A 195 14.76 4.80 48.14
C LYS A 195 14.50 6.15 47.49
N LEU A 196 13.27 6.62 47.54
CA LEU A 196 12.93 7.94 47.06
C LEU A 196 13.51 9.02 47.99
N SER A 197 13.45 8.76 49.30
CA SER A 197 14.02 9.70 50.25
C SER A 197 15.54 9.84 50.07
N GLN A 198 16.17 8.72 49.79
CA GLN A 198 17.61 8.73 49.54
C GLN A 198 17.94 9.55 48.28
N TYR A 199 17.15 9.37 47.23
CA TYR A 199 17.34 10.13 46.00
C TYR A 199 17.19 11.63 46.26
N ALA A 200 16.12 12.03 46.94
CA ALA A 200 15.86 13.43 47.18
C ALA A 200 16.91 14.05 48.11
N GLU A 201 17.36 13.30 49.12
CA GLU A 201 18.42 13.81 50.00
C GLU A 201 19.72 14.02 49.24
N ALA A 202 20.00 13.17 48.28
CA ALA A 202 21.23 13.28 47.48
C ALA A 202 21.16 14.45 46.49
N ARG A 203 20.03 14.63 45.84
CA ARG A 203 19.94 15.55 44.70
C ARG A 203 19.34 16.91 45.01
N THR A 204 18.52 16.96 46.08
CA THR A 204 17.81 18.17 46.52
C THR A 204 17.22 18.91 45.31
N SER A 205 17.46 20.20 45.19
CA SER A 205 16.84 21.02 44.13
C SER A 205 17.42 20.75 42.74
N LYS A 206 18.53 20.04 42.67
CA LYS A 206 19.11 19.68 41.38
C LYS A 206 18.46 18.47 40.73
N ALA A 207 17.60 17.78 41.44
CA ALA A 207 17.01 16.54 40.95
C ALA A 207 16.46 16.69 39.54
N LYS A 208 16.75 15.71 38.70
CA LYS A 208 16.14 15.64 37.37
C LYS A 208 14.82 14.91 37.33
N VAL A 209 14.49 14.22 38.43
CA VAL A 209 13.35 13.31 38.47
C VAL A 209 12.45 13.68 39.62
N PHE A 210 11.14 13.61 39.38
CA PHE A 210 10.11 13.77 40.41
C PHE A 210 9.99 12.49 41.23
N ILE A 211 10.00 12.59 42.56
CA ILE A 211 9.71 11.42 43.38
C ILE A 211 8.21 11.27 43.60
N SER A 212 7.72 10.03 43.55
CA SER A 212 6.31 9.78 43.72
C SER A 212 6.10 8.62 44.69
N PRO A 213 5.95 8.95 45.98
CA PRO A 213 5.92 7.87 46.98
C PRO A 213 4.66 7.05 46.96
N VAL A 214 4.80 5.81 47.43
CA VAL A 214 3.69 4.94 47.74
C VAL A 214 2.83 5.66 48.79
N THR A 215 1.52 5.73 48.51
CA THR A 215 0.58 6.59 49.27
C THR A 215 -0.57 5.79 49.81
N ASN A 216 -0.73 5.84 51.13
CA ASN A 216 -1.86 5.18 51.79
C ASN A 216 -2.40 5.95 52.99
N GLY A 217 -2.01 7.22 53.11
CA GLY A 217 -2.51 8.08 54.18
C GLY A 217 -2.22 9.52 53.85
N GLN A 218 -2.87 10.42 54.56
CA GLN A 218 -2.73 11.84 54.26
C GLN A 218 -1.27 12.30 54.40
N ASN A 219 -0.56 11.75 55.38
CA ASN A 219 0.84 12.15 55.57
C ASN A 219 1.68 11.93 54.33
N ASP A 220 1.32 10.93 53.50
CA ASP A 220 2.08 10.63 52.30
C ASP A 220 1.88 11.69 51.22
N ILE A 221 0.80 12.46 51.36
CA ILE A 221 0.52 13.61 50.49
C ILE A 221 1.15 14.88 51.06
N SER A 222 0.89 15.18 52.34
CA SER A 222 1.09 16.52 52.90
C SER A 222 1.87 16.61 54.19
N GLY A 223 2.41 15.50 54.67
CA GLY A 223 3.16 15.49 55.92
C GLY A 223 4.49 14.79 55.78
N LYS A 224 4.96 14.22 56.87
CA LYS A 224 6.14 13.37 56.82
C LYS A 224 5.70 12.06 56.17
N VAL A 225 6.17 11.85 54.95
CA VAL A 225 5.78 10.68 54.17
C VAL A 225 6.33 9.42 54.83
N SER A 226 5.54 8.35 54.84
CA SER A 226 5.99 7.09 55.40
C SER A 226 7.28 6.66 54.73
N GLY A 227 8.27 6.30 55.54
CA GLY A 227 9.53 5.85 55.02
C GLY A 227 10.49 6.92 54.54
N MET A 228 10.13 8.20 54.68
CA MET A 228 10.98 9.31 54.22
C MET A 228 11.26 10.27 55.35
N SER A 229 12.32 11.04 55.16
CA SER A 229 12.56 12.18 56.03
C SER A 229 11.57 13.31 55.74
N SER A 230 11.41 14.19 56.71
N SER A 230 11.41 14.20 56.70
CA SER A 230 10.66 15.43 56.49
CA SER A 230 10.67 15.44 56.47
C SER A 230 11.25 16.25 55.32
C SER A 230 11.25 16.25 55.31
N GLN A 231 12.57 16.36 55.27
CA GLN A 231 13.19 17.13 54.19
C GLN A 231 12.83 16.56 52.81
N SER A 232 12.93 15.24 52.66
CA SER A 232 12.57 14.63 51.38
C SER A 232 11.10 14.77 51.05
N SER A 233 10.26 14.69 52.08
CA SER A 233 8.82 14.83 51.93
C SER A 233 8.46 16.15 51.24
N GLY A 234 9.22 17.20 51.55
CA GLY A 234 8.93 18.52 51.01
C GLY A 234 9.06 18.63 49.50
N TYR A 235 9.76 17.68 48.86
CA TYR A 235 9.91 17.66 47.40
C TYR A 235 8.77 16.96 46.68
N VAL A 236 7.83 16.37 47.43
CA VAL A 236 6.81 15.52 46.81
C VAL A 236 5.75 16.34 46.06
N ALA A 237 5.69 16.09 44.75
CA ALA A 237 4.75 16.73 43.86
C ALA A 237 3.89 15.72 43.09
N MET A 238 4.04 14.44 43.45
CA MET A 238 3.40 13.32 42.78
C MET A 238 3.17 12.23 43.80
N ASN A 239 2.14 11.42 43.58
CA ASN A 239 1.81 10.32 44.51
C ASN A 239 1.41 9.09 43.71
N ASN A 240 1.82 7.92 44.22
CA ASN A 240 1.63 6.64 43.55
CA ASN A 240 1.69 6.63 43.61
C ASN A 240 0.75 5.76 44.43
N MET A 241 -0.33 5.27 43.84
CA MET A 241 -1.35 4.51 44.54
CA MET A 241 -1.36 4.51 44.55
C MET A 241 -1.67 3.22 43.81
N GLY A 242 -1.70 2.12 44.56
CA GLY A 242 -2.29 0.90 44.06
C GLY A 242 -3.80 0.98 44.13
N LYS A 243 -4.45 -0.07 43.60
CA LYS A 243 -5.90 -0.11 43.49
CA LYS A 243 -5.90 -0.11 43.49
C LYS A 243 -6.61 0.18 44.81
N GLY A 244 -6.13 -0.44 45.87
CA GLY A 244 -6.76 -0.33 47.17
C GLY A 244 -6.65 1.04 47.80
N ASP A 245 -5.72 1.86 47.29
CA ASP A 245 -5.43 3.19 47.82
C ASP A 245 -5.85 4.33 46.92
N LYS A 246 -6.63 4.00 45.88
CA LYS A 246 -6.95 5.03 44.88
C LYS A 246 -7.80 6.15 45.38
N SER A 247 -8.49 5.95 46.51
CA SER A 247 -9.26 7.05 47.12
C SER A 247 -8.38 8.27 47.41
N TRP A 248 -7.07 8.05 47.65
CA TRP A 248 -6.14 9.14 47.92
C TRP A 248 -5.88 10.03 46.72
N ALA A 249 -6.29 9.63 45.51
CA ALA A 249 -6.07 10.46 44.34
C ALA A 249 -6.83 11.79 44.50
N LYS A 250 -7.99 11.78 45.14
N LYS A 250 -7.99 11.78 45.14
CA LYS A 250 -8.74 13.02 45.35
CA LYS A 250 -8.72 13.03 45.34
C LYS A 250 -7.93 14.03 46.16
C LYS A 250 -7.92 14.04 46.16
N GLN A 251 -7.16 13.55 47.12
CA GLN A 251 -6.27 14.42 47.92
C GLN A 251 -5.03 14.80 47.15
N ALA A 252 -4.47 13.90 46.34
CA ALA A 252 -3.41 14.33 45.42
C ALA A 252 -3.89 15.49 44.55
N PHE A 253 -5.08 15.31 43.97
CA PHE A 253 -5.71 16.33 43.17
C PHE A 253 -5.88 17.63 43.95
N ALA A 254 -6.36 17.55 45.18
CA ALA A 254 -6.56 18.74 46.03
C ALA A 254 -5.24 19.49 46.27
N TYR A 255 -4.16 18.74 46.36
CA TYR A 255 -2.82 19.29 46.60
C TYR A 255 -2.05 19.62 45.32
N SER A 256 -2.69 19.49 44.15
CA SER A 256 -1.98 19.70 42.86
C SER A 256 -0.74 18.82 42.77
N HIS A 257 -0.85 17.58 43.31
CA HIS A 257 0.16 16.55 43.04
C HIS A 257 -0.36 15.64 41.94
N ILE A 258 0.53 15.16 41.07
CA ILE A 258 0.10 14.26 40.00
C ILE A 258 -0.05 12.86 40.56
N GLY A 259 -1.29 12.37 40.60
CA GLY A 259 -1.61 11.05 41.11
C GLY A 259 -1.63 10.01 40.04
N ARG A 260 -1.01 8.86 40.33
CA ARG A 260 -1.06 7.70 39.43
C ARG A 260 -1.67 6.53 40.20
N VAL A 261 -2.59 5.83 39.54
CA VAL A 261 -3.21 4.63 40.10
C VAL A 261 -2.94 3.45 39.18
N TRP A 262 -2.36 2.40 39.73
CA TRP A 262 -2.04 1.19 38.99
C TRP A 262 -2.81 0.00 39.57
N GLY A 263 -3.03 -1.01 38.73
CA GLY A 263 -3.68 -2.23 39.14
C GLY A 263 -5.19 -2.20 39.10
N ASP A 264 -5.77 -1.16 38.54
CA ASP A 264 -7.24 -0.98 38.57
C ASP A 264 -7.83 -1.07 37.16
N ASP A 265 -7.41 -2.10 36.43
CA ASP A 265 -7.72 -2.21 35.01
C ASP A 265 -9.18 -2.43 34.66
N GLU A 266 -9.98 -2.95 35.59
CA GLU A 266 -11.38 -3.27 35.29
C GLU A 266 -12.30 -2.08 35.53
N VAL A 267 -11.72 -0.96 35.92
CA VAL A 267 -12.43 0.31 36.06
C VAL A 267 -12.08 1.20 34.85
N SER A 268 -13.09 1.78 34.23
CA SER A 268 -12.92 2.52 33.00
C SER A 268 -12.18 3.83 33.19
N PHE A 269 -11.68 4.36 32.08
CA PHE A 269 -11.04 5.67 32.10
C PHE A 269 -12.01 6.72 32.59
N ALA A 270 -13.26 6.69 32.11
CA ALA A 270 -14.26 7.65 32.56
C ALA A 270 -14.45 7.60 34.05
N GLN A 271 -14.51 6.43 34.63
CA GLN A 271 -14.67 6.34 36.07
C GLN A 271 -13.44 6.86 36.80
N HIS A 272 -12.24 6.55 36.30
CA HIS A 272 -11.04 7.13 36.89
C HIS A 272 -10.98 8.66 36.83
N ILE A 273 -11.49 9.23 35.75
CA ILE A 273 -11.61 10.69 35.65
C ILE A 273 -12.49 11.22 36.78
N ASN A 274 -13.61 10.56 36.98
N ASN A 274 -13.63 10.53 37.02
CA ASN A 274 -14.52 10.99 38.02
CA ASN A 274 -14.59 10.87 38.16
C ASN A 274 -13.88 10.86 39.45
C ASN A 274 -13.86 10.87 39.48
N GLN A 275 -12.91 9.93 39.58
CA GLN A 275 -12.13 9.71 40.79
C GLN A 275 -10.88 10.61 40.92
N LYS A 276 -10.74 11.55 39.99
CA LYS A 276 -9.70 12.60 40.06
C LYS A 276 -8.28 12.05 39.96
N ILE A 277 -8.13 11.00 39.15
CA ILE A 277 -6.85 10.35 38.94
C ILE A 277 -6.18 10.96 37.71
N ASN A 278 -4.98 11.51 37.86
CA ASN A 278 -4.28 12.04 36.69
C ASN A 278 -3.79 10.98 35.74
N LEU A 279 -3.17 9.93 36.27
CA LEU A 279 -2.55 8.91 35.43
C LEU A 279 -3.12 7.54 35.81
N SER A 280 -3.96 6.98 34.94
CA SER A 280 -4.57 5.69 35.19
C SER A 280 -3.84 4.64 34.39
N ALA A 281 -3.10 3.76 35.09
CA ALA A 281 -2.23 2.81 34.39
C ALA A 281 -2.98 1.55 34.02
N TYR A 282 -2.91 1.20 32.74
CA TYR A 282 -3.55 0.01 32.19
C TYR A 282 -2.57 -0.84 31.41
N TYR A 283 -2.62 -2.15 31.63
CA TYR A 283 -1.88 -3.07 30.76
C TYR A 283 -2.29 -2.88 29.29
N ARG A 284 -3.61 -2.88 29.09
CA ARG A 284 -4.25 -2.79 27.73
C ARG A 284 -4.64 -1.32 27.52
N PHE A 285 -3.63 -0.47 27.40
CA PHE A 285 -3.87 0.97 27.34
C PHE A 285 -4.65 1.43 26.10
N ALA A 286 -4.41 0.81 24.96
CA ALA A 286 -5.06 1.26 23.71
C ALA A 286 -6.56 1.04 23.76
N ALA A 287 -6.99 0.02 24.52
CA ALA A 287 -8.41 -0.32 24.64
C ALA A 287 -9.20 0.67 25.49
N GLN A 288 -8.53 1.59 26.17
CA GLN A 288 -9.21 2.52 27.05
C GLN A 288 -9.42 3.86 26.37
N SER A 289 -10.57 4.49 26.64
CA SER A 289 -10.87 5.80 26.15
C SER A 289 -12.14 6.28 26.81
N ALA A 290 -12.35 7.58 26.73
CA ALA A 290 -13.60 8.20 27.18
C ALA A 290 -13.96 9.22 26.15
N GLY A 291 -15.13 9.07 25.53
CA GLY A 291 -15.54 9.97 24.45
C GLY A 291 -14.55 10.03 23.29
N GLY A 292 -13.84 8.92 23.09
CA GLY A 292 -12.81 8.81 22.04
C GLY A 292 -11.44 9.31 22.41
N TYR A 293 -11.30 9.81 23.65
CA TYR A 293 -10.06 10.42 24.09
C TYR A 293 -9.35 9.57 25.15
N ARG A 294 -8.02 9.62 25.11
CA ARG A 294 -7.17 9.07 26.18
C ARG A 294 -6.51 10.13 27.03
N ILE A 295 -6.67 11.41 26.67
CA ILE A 295 -6.14 12.54 27.43
C ILE A 295 -7.21 13.61 27.39
N ARG A 296 -7.66 14.08 28.55
N ARG A 296 -7.66 14.08 28.55
CA ARG A 296 -8.67 15.14 28.59
CA ARG A 296 -8.68 15.12 28.59
C ARG A 296 -8.67 15.81 29.93
C ARG A 296 -8.67 15.81 29.93
N PRO A 297 -9.16 17.05 29.98
CA PRO A 297 -9.36 17.67 31.28
C PRO A 297 -10.37 16.88 32.12
N PHE A 298 -10.24 16.95 33.45
CA PHE A 298 -11.25 16.36 34.33
C PHE A 298 -12.64 16.90 34.10
N GLN B 2 16.84 7.08 -3.11
CA GLN B 2 18.13 7.71 -3.57
C GLN B 2 17.99 9.24 -3.63
N GLU B 3 18.87 9.98 -2.95
CA GLU B 3 18.76 11.45 -2.92
C GLU B 3 19.09 12.05 -4.29
N SER B 4 18.71 13.31 -4.47
CA SER B 4 18.97 13.99 -5.74
C SER B 4 19.22 15.49 -5.58
N PRO B 5 20.13 15.89 -4.66
CA PRO B 5 20.53 17.30 -4.70
C PRO B 5 21.21 17.64 -6.03
N ALA B 6 21.07 18.90 -6.44
CA ALA B 6 21.59 19.29 -7.74
C ALA B 6 23.08 19.11 -7.99
N PHE B 7 23.86 19.14 -6.91
CA PHE B 7 25.33 19.05 -7.09
C PHE B 7 25.85 17.66 -7.44
N ILE B 8 25.00 16.64 -7.35
CA ILE B 8 25.43 15.27 -7.65
C ILE B 8 25.05 14.93 -9.07
N ASP B 9 26.04 14.60 -9.89
CA ASP B 9 25.75 14.06 -11.26
C ASP B 9 25.04 12.73 -11.10
N PRO B 10 23.84 12.58 -11.68
CA PRO B 10 23.11 11.31 -11.52
C PRO B 10 23.85 10.08 -12.01
N ALA B 11 24.81 10.25 -12.93
CA ALA B 11 25.61 9.14 -13.43
C ALA B 11 26.52 8.55 -12.34
N SER B 12 26.71 9.30 -11.25
CA SER B 12 27.53 8.83 -10.13
C SER B 12 26.98 7.58 -9.46
N TRP B 13 25.68 7.43 -9.44
CA TRP B 13 25.07 6.40 -8.60
C TRP B 13 25.47 4.98 -8.96
N ASN B 14 25.54 4.72 -10.27
N ASN B 14 25.55 4.71 -10.26
CA ASN B 14 25.95 3.39 -10.77
CA ASN B 14 25.95 3.40 -10.73
C ASN B 14 27.45 3.27 -11.02
C ASN B 14 27.45 3.29 -11.03
N THR B 15 28.24 4.21 -10.50
CA THR B 15 29.68 4.20 -10.66
C THR B 15 30.34 3.66 -9.38
N PRO B 16 31.33 2.77 -9.50
CA PRO B 16 32.11 2.36 -8.33
C PRO B 16 32.63 3.58 -7.57
N PHE B 17 32.71 3.48 -6.26
CA PHE B 17 33.10 4.66 -5.46
C PHE B 17 34.47 5.20 -5.86
N ASN B 18 35.39 4.30 -6.21
CA ASN B 18 36.75 4.67 -6.64
C ASN B 18 36.77 5.37 -8.00
N GLY B 19 35.68 5.25 -8.77
CA GLY B 19 35.55 5.94 -10.06
C GLY B 19 34.84 7.27 -9.98
N ILE B 20 34.59 7.77 -8.78
CA ILE B 20 33.87 9.02 -8.55
C ILE B 20 34.83 10.07 -8.03
N ALA B 21 34.78 11.25 -8.66
CA ALA B 21 35.48 12.43 -8.22
C ALA B 21 34.56 13.33 -7.43
N GLN B 22 35.13 13.93 -6.37
CA GLN B 22 34.37 14.79 -5.48
C GLN B 22 35.14 16.05 -5.12
N VAL B 23 34.41 17.11 -4.93
CA VAL B 23 34.84 18.27 -4.14
C VAL B 23 34.66 17.90 -2.66
N ALA B 24 35.72 18.07 -1.89
CA ALA B 24 35.72 17.82 -0.44
C ALA B 24 36.02 19.12 0.27
N CYS B 25 35.64 19.19 1.54
CA CYS B 25 36.05 20.36 2.31
C CYS B 25 37.48 20.23 2.78
N HIS B 26 38.06 21.33 3.22
CA HIS B 26 39.34 21.33 3.94
C HIS B 26 39.07 22.05 5.26
N ASN B 27 39.14 21.30 6.39
CA ASN B 27 38.99 21.89 7.72
C ASN B 27 37.66 22.64 7.90
N CYS B 28 36.58 22.06 7.37
CA CYS B 28 35.28 22.75 7.41
C CYS B 28 34.59 22.76 8.77
N TYR B 29 35.22 22.17 9.79
CA TYR B 29 34.81 22.39 11.18
C TYR B 29 35.15 23.78 11.70
N GLU B 30 36.00 24.53 11.00
CA GLU B 30 36.39 25.86 11.43
C GLU B 30 35.25 26.84 11.12
N LYS B 31 34.96 27.71 12.09
CA LYS B 31 33.88 28.67 11.98
C LYS B 31 34.00 29.59 10.77
N GLN B 32 35.22 29.88 10.35
CA GLN B 32 35.40 30.77 9.18
C GLN B 32 35.07 30.09 7.82
N TYR B 33 34.94 28.77 7.80
CA TYR B 33 34.63 28.05 6.59
C TYR B 33 33.19 27.59 6.46
N ALA B 34 32.46 27.52 7.56
CA ALA B 34 31.04 27.18 7.51
C ALA B 34 30.40 27.61 8.83
N ASN B 35 29.16 28.07 8.77
CA ASN B 35 28.50 28.54 10.00
C ASN B 35 28.17 27.40 10.95
N THR B 36 27.81 26.25 10.39
CA THR B 36 27.60 25.03 11.17
C THR B 36 28.25 23.87 10.41
N PHE B 37 28.71 22.89 11.16
CA PHE B 37 29.31 21.71 10.52
C PHE B 37 28.28 21.00 9.62
N SER B 38 27.05 20.88 10.12
N SER B 38 27.06 20.87 10.13
CA SER B 38 26.01 20.20 9.37
CA SER B 38 25.98 20.20 9.38
C SER B 38 25.71 20.88 8.04
C SER B 38 25.71 20.87 8.04
N SER B 39 25.82 22.20 8.01
CA SER B 39 25.50 22.94 6.77
C SER B 39 26.44 22.57 5.61
N VAL B 40 27.62 22.02 5.90
CA VAL B 40 28.56 21.63 4.85
C VAL B 40 27.90 20.61 3.93
N LEU B 41 27.07 19.75 4.51
CA LEU B 41 26.37 18.68 3.77
C LEU B 41 25.29 19.25 2.81
N ASP B 42 25.05 20.56 2.83
CA ASP B 42 24.27 21.17 1.75
C ASP B 42 25.04 21.22 0.42
N SER B 43 26.35 21.07 0.48
CA SER B 43 27.23 21.35 -0.68
C SER B 43 28.09 20.17 -1.11
N VAL B 44 28.56 19.34 -0.16
CA VAL B 44 29.50 18.26 -0.45
C VAL B 44 29.14 17.04 0.42
N ARG B 45 29.81 15.93 0.13
CA ARG B 45 29.63 14.69 0.88
C ARG B 45 30.92 14.20 1.56
N THR B 46 31.96 15.03 1.53
CA THR B 46 33.25 14.68 2.16
C THR B 46 33.68 15.84 3.02
N LEU B 47 33.85 15.54 4.32
CA LEU B 47 34.08 16.55 5.38
C LEU B 47 35.36 16.24 6.11
N GLU B 48 35.75 17.07 7.09
CA GLU B 48 37.01 16.91 7.82
C GLU B 48 36.88 17.43 9.22
N LEU B 49 37.50 16.71 10.16
CA LEU B 49 37.61 17.11 11.57
C LEU B 49 39.02 16.92 12.03
N ASP B 50 39.61 17.94 12.67
CA ASP B 50 40.91 17.81 13.34
C ASP B 50 40.66 17.53 14.81
N PHE B 51 41.30 16.47 15.34
CA PHE B 51 40.98 16.06 16.70
C PHE B 51 42.19 15.85 17.57
N TRP B 52 42.02 16.31 18.81
CA TRP B 52 43.11 16.38 19.81
C TRP B 52 42.73 15.57 21.03
N ASP B 53 43.74 14.93 21.63
CA ASP B 53 43.56 14.21 22.89
C ASP B 53 43.40 15.16 24.09
N GLN B 54 44.17 16.23 24.09
N GLN B 54 44.15 16.23 24.08
CA GLN B 54 44.30 17.12 25.25
CA GLN B 54 44.25 17.10 25.24
C GLN B 54 43.61 18.46 24.98
C GLN B 54 43.62 18.47 24.98
N ARG B 55 43.28 19.17 26.06
CA ARG B 55 42.63 20.48 25.97
C ARG B 55 43.57 21.53 25.41
N ASP B 56 44.84 21.40 25.80
CA ASP B 56 45.95 22.10 25.18
C ASP B 56 46.93 21.06 24.68
N ALA B 57 48.21 21.38 24.60
CA ALA B 57 49.21 20.43 24.13
C ALA B 57 49.59 19.35 25.14
N VAL B 58 49.32 19.60 26.42
CA VAL B 58 49.94 18.84 27.52
C VAL B 58 48.97 18.42 28.64
N SER B 59 47.72 18.81 28.56
CA SER B 59 46.84 18.66 29.70
C SER B 59 45.36 18.67 29.32
N GLY B 60 44.54 18.11 30.19
CA GLY B 60 43.09 18.24 30.09
C GLY B 60 42.35 17.17 29.35
N GLY B 61 43.03 16.11 28.93
CA GLY B 61 42.27 14.99 28.33
C GLY B 61 41.39 14.22 29.31
N SER B 62 40.41 13.52 28.76
CA SER B 62 39.58 12.59 29.54
C SER B 62 39.38 11.31 28.75
N PRO B 63 38.96 10.24 29.43
CA PRO B 63 38.85 8.99 28.69
C PRO B 63 37.72 9.06 27.67
N HIS B 64 37.90 8.37 26.55
CA HIS B 64 36.82 8.12 25.62
C HIS B 64 36.30 9.38 24.97
N HIS B 65 37.15 10.41 24.93
CA HIS B 65 36.79 11.76 24.50
CA HIS B 65 36.76 11.75 24.45
C HIS B 65 37.93 12.38 23.75
N TRP B 66 37.62 13.15 22.71
CA TRP B 66 38.62 13.97 22.01
C TRP B 66 38.01 15.34 21.72
N PHE B 67 38.88 16.34 21.59
CA PHE B 67 38.49 17.72 21.28
C PHE B 67 38.60 17.95 19.79
N VAL B 68 37.87 18.94 19.27
CA VAL B 68 38.00 19.35 17.87
C VAL B 68 38.38 20.81 17.82
N ARG B 69 39.56 21.09 17.24
CA ARG B 69 40.08 22.44 17.05
C ARG B 69 41.24 22.34 16.09
N HIS B 70 41.68 23.48 15.58
CA HIS B 70 42.81 23.51 14.65
C HIS B 70 44.15 23.49 15.36
N ASN B 71 44.33 24.36 16.33
CA ASN B 71 45.66 24.63 16.91
C ASN B 71 45.91 23.90 18.22
N PRO B 72 47.19 23.77 18.64
CA PRO B 72 47.47 23.07 19.90
C PRO B 72 46.81 23.67 21.08
N GLY B 73 46.68 24.99 21.08
CA GLY B 73 45.93 25.71 22.08
C GLY B 73 44.86 26.54 21.40
N THR B 74 43.81 26.88 22.14
CA THR B 74 42.73 27.73 21.67
C THR B 74 42.39 28.71 22.76
N LEU B 75 41.82 29.85 22.37
CA LEU B 75 41.32 30.84 23.34
C LEU B 75 39.99 30.38 23.93
N PHE B 76 39.33 29.38 23.35
CA PHE B 76 38.12 28.79 23.96
C PHE B 76 38.46 27.93 25.17
N GLN B 77 37.86 28.27 26.29
CA GLN B 77 38.08 27.58 27.54
C GLN B 77 37.83 26.06 27.46
N SER B 78 36.93 25.64 26.58
CA SER B 78 36.60 24.21 26.53
C SER B 78 37.65 23.32 25.82
N GLY B 79 38.64 23.91 25.11
CA GLY B 79 39.51 23.11 24.18
C GLY B 79 38.91 22.74 22.80
N ASN B 80 37.67 23.14 22.61
CA ASN B 80 36.96 22.98 21.33
C ASN B 80 36.84 24.33 20.67
N ASP B 81 37.14 24.39 19.37
CA ASP B 81 37.02 25.61 18.58
C ASP B 81 36.54 25.17 17.21
N ASN B 82 35.23 25.19 17.05
CA ASN B 82 34.62 24.59 15.85
C ASN B 82 33.17 25.04 15.74
N ASN B 83 32.56 24.64 14.62
CA ASN B 83 31.18 24.99 14.29
C ASN B 83 30.17 23.85 14.50
N CYS B 84 30.55 22.88 15.32
CA CYS B 84 29.63 21.77 15.63
C CYS B 84 28.64 22.17 16.72
N THR B 85 27.57 21.41 16.84
CA THR B 85 26.57 21.62 17.89
C THR B 85 27.13 21.35 19.30
N GLY B 86 26.50 21.92 20.31
CA GLY B 86 26.82 21.65 21.72
C GLY B 86 27.73 22.68 22.39
N ASP B 87 28.10 23.73 21.65
CA ASP B 87 29.05 24.75 22.16
C ASP B 87 28.52 25.53 23.37
N LYS B 91 30.47 21.77 25.10
CA LYS B 91 30.58 20.37 24.77
C LYS B 91 30.50 20.06 23.28
N ASN B 92 31.02 20.92 22.42
CA ASN B 92 31.13 20.65 20.99
C ASN B 92 32.47 19.93 20.71
N ASP B 93 32.54 18.70 21.19
CA ASP B 93 33.73 17.85 21.08
C ASP B 93 33.65 16.93 19.85
N LEU B 94 34.58 15.98 19.76
CA LEU B 94 34.57 15.09 18.60
C LEU B 94 33.23 14.35 18.50
N GLU B 95 32.78 13.79 19.61
CA GLU B 95 31.53 13.07 19.60
C GLU B 95 30.37 13.94 19.10
N ALA B 96 30.32 15.18 19.53
CA ALA B 96 29.27 16.10 19.06
C ALA B 96 29.34 16.32 17.56
N CYS B 97 30.55 16.56 17.04
CA CYS B 97 30.72 16.76 15.61
C CYS B 97 30.28 15.50 14.83
N LEU B 98 30.67 14.33 15.31
CA LEU B 98 30.27 13.09 14.68
C LEU B 98 28.73 12.94 14.70
N ASN B 99 28.12 13.26 15.82
CA ASN B 99 26.66 13.22 15.93
C ASN B 99 25.97 14.18 14.97
N ASP B 100 26.61 15.31 14.65
CA ASP B 100 26.02 16.21 13.67
C ASP B 100 25.88 15.49 12.31
N VAL B 101 26.92 14.74 11.96
CA VAL B 101 26.88 13.94 10.72
C VAL B 101 25.85 12.83 10.80
N LYS B 102 25.87 12.10 11.91
CA LYS B 102 24.91 11.01 12.12
C LYS B 102 23.47 11.50 11.99
N ASN B 103 23.19 12.63 12.62
CA ASN B 103 21.84 13.23 12.58
C ASN B 103 21.45 13.66 11.18
N TRP B 104 22.40 14.28 10.44
CA TRP B 104 22.09 14.68 9.07
C TRP B 104 21.76 13.41 8.26
N SER B 105 22.57 12.37 8.45
CA SER B 105 22.34 11.09 7.75
C SER B 105 20.93 10.55 8.03
N ASP B 106 20.52 10.52 9.28
CA ASP B 106 19.19 10.05 9.64
C ASP B 106 18.08 10.84 8.94
N LYS B 107 18.32 12.15 8.78
CA LYS B 107 17.32 13.03 8.13
C LYS B 107 17.30 12.96 6.62
N HIS B 108 18.29 12.29 6.03
CA HIS B 108 18.44 12.19 4.57
C HIS B 108 18.63 10.72 4.15
N PRO B 109 17.60 9.89 4.37
CA PRO B 109 17.72 8.52 3.92
C PRO B 109 18.01 8.49 2.41
N GLY B 110 18.82 7.55 2.01
CA GLY B 110 19.21 7.41 0.61
C GLY B 110 20.37 8.31 0.21
N HIS B 111 21.04 8.92 1.17
CA HIS B 111 22.10 9.84 0.81
C HIS B 111 23.29 9.17 0.14
N PHE B 112 23.94 9.92 -0.73
CA PHE B 112 25.23 9.53 -1.24
C PHE B 112 26.18 9.29 -0.07
N PRO B 113 27.06 8.30 -0.15
CA PRO B 113 27.90 8.00 1.01
C PRO B 113 28.72 9.21 1.48
N ILE B 114 28.79 9.38 2.79
CA ILE B 114 29.55 10.45 3.39
C ILE B 114 30.89 9.94 3.80
N THR B 115 31.93 10.68 3.44
CA THR B 115 33.31 10.38 3.83
C THR B 115 33.78 11.45 4.82
N LEU B 116 34.26 11.01 5.99
CA LEU B 116 34.73 11.91 7.05
CA LEU B 116 34.70 11.90 7.01
C LEU B 116 36.20 11.69 7.25
N ILE B 117 37.00 12.73 6.98
CA ILE B 117 38.42 12.72 7.21
C ILE B 117 38.67 13.13 8.66
N LEU B 118 39.23 12.21 9.42
CA LEU B 118 39.54 12.41 10.84
C LEU B 118 41.05 12.58 10.97
N ASP B 119 41.45 13.86 11.08
CA ASP B 119 42.84 14.27 11.04
C ASP B 119 43.34 14.36 12.50
N LYS B 120 44.03 13.31 12.89
CA LYS B 120 44.46 13.14 14.29
C LYS B 120 45.70 14.00 14.55
N LYS B 121 45.69 14.74 15.65
CA LYS B 121 46.74 15.74 15.91
C LYS B 121 47.75 15.35 16.99
N GLN B 122 47.45 14.33 17.80
CA GLN B 122 48.35 13.85 18.85
C GLN B 122 48.50 12.35 18.71
N GLY B 123 49.30 11.76 19.57
CA GLY B 123 49.51 10.32 19.55
C GLY B 123 48.37 9.54 20.20
N TRP B 124 48.46 8.23 20.10
CA TRP B 124 47.53 7.37 20.82
C TRP B 124 47.88 7.32 22.31
N SER B 125 46.87 7.15 23.17
CA SER B 125 47.15 6.88 24.58
C SER B 125 47.34 5.39 24.80
N LYS B 126 47.83 5.06 26.00
CA LYS B 126 47.75 3.68 26.53
C LYS B 126 46.36 3.41 27.13
N GLU B 127 46.13 2.15 27.48
N GLU B 127 46.13 2.15 27.49
CA GLU B 127 44.81 1.70 27.90
CA GLU B 127 44.80 1.72 27.92
C GLU B 127 44.29 2.52 29.06
C GLU B 127 44.27 2.54 29.10
N SER B 128 45.15 2.83 30.04
N SER B 128 45.13 2.83 30.08
CA SER B 128 44.71 3.52 31.23
CA SER B 128 44.65 3.50 31.28
C SER B 128 44.07 4.88 31.02
C SER B 128 44.06 4.89 31.03
N SER B 129 44.47 5.58 29.96
CA SER B 129 43.95 6.91 29.68
C SER B 129 42.72 6.89 28.76
N GLY B 130 42.35 5.73 28.20
CA GLY B 130 41.05 5.62 27.53
C GLY B 130 40.96 6.21 26.13
N ARG B 131 42.10 6.39 25.47
CA ARG B 131 42.14 6.94 24.11
C ARG B 131 43.08 6.11 23.22
N THR B 132 42.90 4.80 23.30
CA THR B 132 43.61 3.88 22.42
C THR B 132 42.89 3.75 21.08
N PRO B 133 43.51 3.06 20.12
CA PRO B 133 42.77 2.72 18.88
C PRO B 133 41.45 2.03 19.13
N LYS B 134 41.42 1.09 20.08
N LYS B 134 41.42 1.09 20.08
CA LYS B 134 40.17 0.42 20.42
CA LYS B 134 40.18 0.41 20.43
C LYS B 134 39.12 1.40 20.96
C LYS B 134 39.11 1.39 20.96
N ASP B 135 39.53 2.31 21.84
CA ASP B 135 38.60 3.31 22.36
C ASP B 135 38.04 4.18 21.24
N PHE B 136 38.90 4.52 20.29
CA PHE B 136 38.47 5.32 19.13
C PHE B 136 37.44 4.59 18.26
N ASP B 137 37.73 3.32 17.97
CA ASP B 137 36.77 2.49 17.24
C ASP B 137 35.44 2.39 18.01
N GLU B 138 35.53 2.24 19.34
CA GLU B 138 34.31 2.11 20.12
C GLU B 138 33.47 3.38 20.03
N LEU B 139 34.11 4.55 20.06
CA LEU B 139 33.39 5.81 19.94
C LEU B 139 32.69 5.87 18.60
N VAL B 140 33.44 5.67 17.50
CA VAL B 140 32.82 5.90 16.19
C VAL B 140 31.72 4.89 15.94
N ALA B 141 31.89 3.68 16.43
CA ALA B 141 30.84 2.66 16.33
C ALA B 141 29.62 3.02 17.15
N ARG B 142 29.83 3.54 18.34
CA ARG B 142 28.69 3.96 19.20
C ARG B 142 27.89 5.07 18.56
N VAL B 143 28.57 6.02 17.91
CA VAL B 143 27.87 7.10 17.23
C VAL B 143 27.16 6.62 15.98
N PHE B 144 27.87 5.96 15.07
CA PHE B 144 27.36 5.66 13.74
C PHE B 144 26.64 4.35 13.59
N GLN B 145 26.93 3.42 14.50
CA GLN B 145 26.30 2.12 14.53
C GLN B 145 26.41 1.48 13.13
N GLY B 146 25.31 1.05 12.58
CA GLY B 146 25.34 0.33 11.35
C GLY B 146 25.58 1.17 10.11
N LYS B 147 25.72 2.48 10.25
CA LYS B 147 25.98 3.30 9.09
C LYS B 147 27.35 3.08 8.47
N LEU B 148 28.32 2.58 9.23
CA LEU B 148 29.68 2.51 8.73
C LEU B 148 29.86 1.48 7.63
N PHE B 149 30.72 1.85 6.70
CA PHE B 149 31.34 0.94 5.74
C PHE B 149 32.84 0.95 6.05
N THR B 150 33.39 -0.23 6.32
CA THR B 150 34.74 -0.35 6.88
C THR B 150 35.68 -1.08 5.93
N PRO B 151 36.98 -1.10 6.26
CA PRO B 151 37.92 -1.83 5.42
C PRO B 151 37.57 -3.30 5.22
N GLN B 152 37.13 -3.99 6.27
CA GLN B 152 36.72 -5.36 6.07
C GLN B 152 35.55 -5.49 5.11
N ASP B 153 34.61 -4.54 5.15
CA ASP B 153 33.49 -4.58 4.22
C ASP B 153 33.99 -4.50 2.77
N LEU B 154 34.96 -3.63 2.53
CA LEU B 154 35.56 -3.53 1.21
C LEU B 154 36.30 -4.81 0.82
N ALA B 155 37.06 -5.35 1.77
CA ALA B 155 37.80 -6.57 1.52
C ALA B 155 36.88 -7.72 1.12
N THR B 156 35.78 -7.89 1.85
CA THR B 156 34.80 -8.90 1.47
C THR B 156 34.25 -8.64 0.08
N HIS B 157 33.94 -7.38 -0.23
CA HIS B 157 33.43 -7.04 -1.56
C HIS B 157 34.35 -7.52 -2.68
N ILE B 158 35.66 -7.32 -2.48
CA ILE B 158 36.63 -7.67 -3.54
C ILE B 158 37.21 -9.09 -3.39
N GLY B 159 36.78 -9.82 -2.36
CA GLY B 159 37.28 -11.21 -2.18
C GLY B 159 38.71 -11.29 -1.65
N SER B 160 39.11 -10.31 -0.85
CA SER B 160 40.46 -10.22 -0.28
C SER B 160 40.41 -10.31 1.24
N GLY B 161 41.53 -10.70 1.84
CA GLY B 161 41.76 -10.36 3.24
C GLY B 161 41.92 -8.86 3.41
N ALA B 162 41.49 -8.34 4.55
CA ALA B 162 41.64 -6.89 4.80
C ALA B 162 43.12 -6.46 4.79
N GLY B 163 44.00 -7.34 5.24
CA GLY B 163 45.43 -7.05 5.27
C GLY B 163 46.13 -7.15 3.96
N ALA B 164 45.39 -7.38 2.88
CA ALA B 164 45.93 -7.39 1.52
C ALA B 164 45.15 -6.45 0.59
N LEU B 165 44.36 -5.54 1.17
CA LEU B 165 43.68 -4.54 0.35
C LEU B 165 44.66 -3.76 -0.53
N GLN B 166 45.81 -3.42 0.03
CA GLN B 166 46.73 -2.49 -0.65
C GLN B 166 46.97 -2.91 -2.09
N GLY B 167 47.39 -4.16 -2.27
CA GLY B 167 47.67 -4.69 -3.61
C GLY B 167 46.47 -5.33 -4.28
N ASN B 168 45.57 -5.94 -3.52
CA ASN B 168 44.45 -6.66 -4.14
C ASN B 168 43.40 -5.72 -4.71
N LEU B 169 43.38 -4.46 -4.28
CA LEU B 169 42.47 -3.50 -4.89
C LEU B 169 42.81 -3.19 -6.32
N LYS B 170 44.07 -3.38 -6.75
CA LYS B 170 44.41 -3.04 -8.12
C LYS B 170 43.59 -3.87 -9.10
N GLY B 171 42.92 -3.20 -10.02
CA GLY B 171 42.07 -3.87 -11.00
C GLY B 171 40.67 -4.16 -10.50
N LYS B 172 40.34 -3.73 -9.28
CA LYS B 172 39.03 -4.02 -8.68
CA LYS B 172 39.04 -4.00 -8.68
C LYS B 172 38.18 -2.75 -8.48
N SER B 173 36.88 -2.94 -8.48
CA SER B 173 35.93 -1.86 -8.22
C SER B 173 35.41 -1.93 -6.79
N TRP B 174 35.32 -0.75 -6.18
CA TRP B 174 34.56 -0.60 -4.93
C TRP B 174 33.07 -0.77 -5.22
N PRO B 175 32.24 -0.99 -4.18
CA PRO B 175 30.81 -0.86 -4.37
C PRO B 175 30.45 0.49 -4.98
N THR B 176 29.34 0.53 -5.68
CA THR B 176 28.87 1.78 -6.27
C THR B 176 28.33 2.74 -5.22
N ALA B 177 28.16 4.00 -5.60
CA ALA B 177 27.48 4.93 -4.72
C ALA B 177 26.08 4.45 -4.36
N ASN B 178 25.36 3.87 -5.30
CA ASN B 178 24.07 3.26 -4.99
C ASN B 178 24.18 2.18 -3.92
N ASP B 179 25.17 1.29 -4.08
CA ASP B 179 25.40 0.24 -3.10
C ASP B 179 25.65 0.84 -1.73
N LEU B 180 26.29 2.01 -1.71
CA LEU B 180 26.72 2.69 -0.50
C LEU B 180 25.75 3.77 -0.01
N GLN B 181 24.51 3.74 -0.50
N GLN B 181 24.49 3.73 -0.48
CA GLN B 181 23.54 4.73 -0.05
CA GLN B 181 23.50 4.69 0.00
C GLN B 181 23.38 4.64 1.49
C GLN B 181 23.41 4.63 1.50
N GLY B 182 23.34 5.81 2.12
CA GLY B 182 23.16 5.89 3.55
C GLY B 182 24.38 5.52 4.38
N LYS B 183 25.52 5.26 3.74
CA LYS B 183 26.70 4.84 4.45
C LYS B 183 27.60 6.01 4.82
N VAL B 184 28.44 5.75 5.82
CA VAL B 184 29.48 6.68 6.29
C VAL B 184 30.82 5.91 6.24
N LEU B 185 31.82 6.54 5.64
CA LEU B 185 33.20 6.03 5.57
C LEU B 185 34.08 6.96 6.38
N LEU B 186 34.84 6.39 7.32
CA LEU B 186 35.72 7.15 8.18
C LEU B 186 37.16 6.94 7.74
N VAL B 187 37.95 8.02 7.75
CA VAL B 187 39.31 7.97 7.24
C VAL B 187 40.24 8.60 8.26
N LEU B 188 41.34 7.93 8.57
CA LEU B 188 42.32 8.47 9.54
C LEU B 188 43.50 9.10 8.78
N ASN B 189 43.81 10.34 9.17
CA ASN B 189 45.04 11.00 8.75
C ASN B 189 45.85 11.38 10.01
N HIS B 190 47.15 11.62 9.79
CA HIS B 190 48.06 12.13 10.82
C HIS B 190 49.29 12.61 10.09
N SER B 191 50.02 13.56 10.67
N SER B 191 50.02 13.56 10.67
CA SER B 191 51.27 13.97 10.05
CA SER B 191 51.28 13.98 10.04
C SER B 191 52.30 12.83 9.94
C SER B 191 52.30 12.83 9.94
N GLU B 192 52.21 11.88 10.86
CA GLU B 192 53.17 10.78 10.97
C GLU B 192 52.45 9.47 10.66
N ASN B 193 52.91 8.81 9.60
CA ASN B 193 52.32 7.51 9.24
C ASN B 193 52.47 6.48 10.35
N GLN B 194 53.43 6.65 11.24
CA GLN B 194 53.56 5.74 12.38
C GLN B 194 52.24 5.60 13.15
N LYS B 195 51.50 6.70 13.31
CA LYS B 195 50.28 6.65 14.09
C LYS B 195 49.21 5.80 13.38
N LEU B 196 49.20 5.84 12.06
CA LEU B 196 48.32 5.00 11.24
C LEU B 196 48.74 3.54 11.38
N SER B 197 50.06 3.29 11.37
CA SER B 197 50.56 1.93 11.51
C SER B 197 50.18 1.33 12.86
N GLN B 198 50.26 2.16 13.90
CA GLN B 198 49.89 1.74 15.23
C GLN B 198 48.40 1.38 15.29
N TYR B 199 47.56 2.21 14.68
CA TYR B 199 46.12 1.93 14.62
C TYR B 199 45.85 0.61 13.90
N ALA B 200 46.44 0.41 12.73
CA ALA B 200 46.18 -0.80 11.97
C ALA B 200 46.69 -2.06 12.67
N GLU B 201 47.85 -1.96 13.30
CA GLU B 201 48.38 -3.09 14.05
C GLU B 201 47.47 -3.45 15.24
N ALA B 202 46.87 -2.46 15.87
CA ALA B 202 45.99 -2.70 17.00
C ALA B 202 44.66 -3.29 16.56
N ARG B 203 44.09 -2.80 15.46
CA ARG B 203 42.72 -3.15 15.11
C ARG B 203 42.58 -4.21 14.04
N THR B 204 43.61 -4.36 13.21
CA THR B 204 43.62 -5.33 12.11
C THR B 204 42.29 -5.31 11.37
N SER B 205 41.68 -6.48 11.13
CA SER B 205 40.47 -6.57 10.33
C SER B 205 39.23 -6.02 11.01
N LYS B 206 39.31 -5.72 12.30
CA LYS B 206 38.19 -5.15 13.03
C LYS B 206 38.10 -3.64 12.88
N ALA B 207 39.10 -3.01 12.27
CA ALA B 207 39.14 -1.57 12.19
C ALA B 207 37.85 -0.98 11.67
N LYS B 208 37.38 0.07 12.34
CA LYS B 208 36.22 0.83 11.86
C LYS B 208 36.59 1.93 10.86
N VAL B 209 37.88 2.25 10.76
CA VAL B 209 38.35 3.42 10.04
C VAL B 209 39.39 2.98 9.01
N PHE B 210 39.31 3.59 7.83
CA PHE B 210 40.34 3.43 6.77
C PHE B 210 41.56 4.27 7.06
N ILE B 211 42.74 3.71 7.03
CA ILE B 211 43.95 4.51 7.16
C ILE B 211 44.34 5.09 5.81
N SER B 212 44.80 6.33 5.81
CA SER B 212 45.19 6.99 4.54
C SER B 212 46.51 7.70 4.77
N PRO B 213 47.63 7.03 4.47
CA PRO B 213 48.92 7.60 4.81
C PRO B 213 49.34 8.77 3.93
N VAL B 214 50.20 9.60 4.51
CA VAL B 214 50.93 10.62 3.78
C VAL B 214 51.69 9.91 2.67
N THR B 215 51.50 10.42 1.45
CA THR B 215 51.96 9.75 0.23
C THR B 215 52.85 10.67 -0.55
N ASN B 216 54.10 10.26 -0.72
CA ASN B 216 55.05 11.04 -1.53
C ASN B 216 56.01 10.17 -2.32
N GLY B 217 55.73 8.89 -2.45
CA GLY B 217 56.53 7.98 -3.26
C GLY B 217 55.71 6.76 -3.57
N GLN B 218 56.18 5.98 -4.53
CA GLN B 218 55.43 4.82 -5.00
C GLN B 218 55.16 3.83 -3.88
N ASN B 219 56.15 3.65 -3.02
CA ASN B 219 56.00 2.69 -1.92
C ASN B 219 54.83 3.00 -0.99
N ASP B 220 54.44 4.29 -0.92
CA ASP B 220 53.33 4.67 -0.08
C ASP B 220 51.98 4.23 -0.64
N ILE B 221 51.93 3.97 -1.96
CA ILE B 221 50.78 3.36 -2.60
CA ILE B 221 50.77 3.37 -2.59
C ILE B 221 50.82 1.84 -2.50
N SER B 222 51.96 1.25 -2.90
CA SER B 222 52.01 -0.16 -3.28
C SER B 222 53.03 -1.00 -2.59
N GLY B 223 53.80 -0.45 -1.64
CA GLY B 223 54.86 -1.16 -0.99
C GLY B 223 54.84 -0.97 0.50
N LYS B 224 56.04 -1.04 1.12
N LYS B 224 56.03 -1.03 1.10
CA LYS B 224 56.14 -0.72 2.54
CA LYS B 224 56.14 -0.71 2.51
C LYS B 224 56.06 0.79 2.64
C LYS B 224 56.06 0.80 2.64
N VAL B 225 54.97 1.27 3.22
CA VAL B 225 54.69 2.69 3.30
C VAL B 225 55.69 3.34 4.25
N SER B 226 56.18 4.52 3.91
CA SER B 226 57.09 5.23 4.77
C SER B 226 56.48 5.39 6.17
N GLY B 227 57.27 5.05 7.20
CA GLY B 227 56.82 5.15 8.55
C GLY B 227 55.89 4.08 9.04
N MET B 228 55.61 3.07 8.22
CA MET B 228 54.70 1.97 8.63
C MET B 228 55.37 0.62 8.48
N SER B 229 54.84 -0.35 9.22
CA SER B 229 55.22 -1.73 8.99
C SER B 229 54.65 -2.23 7.66
N SER B 230 55.23 -3.33 7.19
CA SER B 230 54.66 -4.04 6.05
CA SER B 230 54.65 -4.07 6.06
C SER B 230 53.23 -4.53 6.33
N GLN B 231 53.02 -5.06 7.53
CA GLN B 231 51.72 -5.54 7.88
C GLN B 231 50.68 -4.42 7.78
N SER B 232 50.97 -3.25 8.34
CA SER B 232 50.00 -2.15 8.29
C SER B 232 49.80 -1.63 6.89
N SER B 233 50.88 -1.64 6.11
CA SER B 233 50.83 -1.18 4.72
C SER B 233 49.80 -1.95 3.92
N GLY B 234 49.62 -3.24 4.26
CA GLY B 234 48.68 -4.06 3.51
C GLY B 234 47.22 -3.66 3.64
N TYR B 235 46.87 -2.89 4.67
CA TYR B 235 45.52 -2.40 4.88
C TYR B 235 45.22 -1.12 4.12
N VAL B 236 46.21 -0.56 3.41
CA VAL B 236 46.03 0.77 2.80
C VAL B 236 45.15 0.72 1.55
N ALA B 237 44.01 1.39 1.64
CA ALA B 237 43.03 1.50 0.57
C ALA B 237 42.77 2.95 0.19
N MET B 238 43.53 3.87 0.78
CA MET B 238 43.35 5.30 0.62
C MET B 238 44.72 5.96 0.75
N ASN B 239 44.90 7.11 0.09
CA ASN B 239 46.18 7.82 0.15
C ASN B 239 45.92 9.30 0.26
N ASN B 240 46.75 9.97 1.08
N ASN B 240 46.77 9.97 1.04
CA ASN B 240 46.60 11.40 1.38
CA ASN B 240 46.66 11.37 1.44
C ASN B 240 47.82 12.16 0.86
C ASN B 240 47.83 12.15 0.88
N MET B 241 47.54 13.14 0.02
CA MET B 241 48.58 13.92 -0.68
CA MET B 241 48.58 13.92 -0.70
C MET B 241 48.39 15.40 -0.50
N GLY B 242 49.48 16.10 -0.20
CA GLY B 242 49.48 17.54 -0.32
C GLY B 242 49.68 17.97 -1.77
N LYS B 243 49.64 19.28 -1.96
CA LYS B 243 49.70 19.88 -3.28
CA LYS B 243 49.69 19.86 -3.28
C LYS B 243 50.88 19.35 -4.10
N GLY B 244 52.04 19.33 -3.47
CA GLY B 244 53.28 18.95 -4.14
C GLY B 244 53.39 17.49 -4.49
N ASP B 245 52.50 16.67 -3.91
CA ASP B 245 52.49 15.23 -4.09
C ASP B 245 51.34 14.69 -4.91
N LYS B 246 50.59 15.59 -5.55
CA LYS B 246 49.36 15.17 -6.20
C LYS B 246 49.58 14.28 -7.42
N SER B 247 50.81 14.27 -7.99
CA SER B 247 51.09 13.37 -9.10
C SER B 247 50.85 11.91 -8.72
N TRP B 248 50.96 11.59 -7.43
CA TRP B 248 50.71 10.23 -6.97
C TRP B 248 49.25 9.82 -7.03
N ALA B 249 48.33 10.76 -7.26
CA ALA B 249 46.93 10.36 -7.34
C ALA B 249 46.68 9.43 -8.51
N LYS B 250 47.46 9.57 -9.60
CA LYS B 250 47.31 8.61 -10.71
C LYS B 250 47.60 7.19 -10.28
N GLN B 251 48.57 7.03 -9.37
CA GLN B 251 48.88 5.72 -8.81
C GLN B 251 47.79 5.24 -7.86
N ALA B 252 47.27 6.13 -7.01
CA ALA B 252 46.13 5.76 -6.19
C ALA B 252 44.99 5.26 -7.07
N PHE B 253 44.71 6.00 -8.12
CA PHE B 253 43.66 5.63 -9.09
C PHE B 253 43.92 4.27 -9.70
N ALA B 254 45.15 4.04 -10.12
CA ALA B 254 45.53 2.75 -10.71
C ALA B 254 45.32 1.59 -9.76
N TYR B 255 45.54 1.84 -8.48
CA TYR B 255 45.41 0.83 -7.42
C TYR B 255 44.02 0.76 -6.81
N SER B 256 43.06 1.54 -7.33
CA SER B 256 41.72 1.63 -6.70
C SER B 256 41.81 1.99 -5.21
N HIS B 257 42.76 2.88 -4.89
CA HIS B 257 42.76 3.51 -3.58
C HIS B 257 42.11 4.88 -3.69
N ILE B 258 41.40 5.31 -2.65
CA ILE B 258 40.76 6.62 -2.69
C ILE B 258 41.79 7.68 -2.37
N GLY B 259 42.15 8.48 -3.36
CA GLY B 259 43.15 9.54 -3.20
C GLY B 259 42.51 10.85 -2.81
N ARG B 260 43.10 11.55 -1.85
CA ARG B 260 42.71 12.89 -1.45
C ARG B 260 43.89 13.82 -1.61
N VAL B 261 43.62 14.99 -2.22
CA VAL B 261 44.63 16.04 -2.35
C VAL B 261 44.15 17.27 -1.64
N TRP B 262 44.96 17.77 -0.72
CA TRP B 262 44.67 18.99 0.03
C TRP B 262 45.72 20.06 -0.30
N GLY B 263 45.29 21.32 -0.11
CA GLY B 263 46.19 22.44 -0.29
C GLY B 263 46.30 22.97 -1.69
N ASP B 264 45.51 22.44 -2.61
CA ASP B 264 45.63 22.79 -4.04
C ASP B 264 44.44 23.61 -4.52
N ASP B 265 44.08 24.62 -3.71
CA ASP B 265 42.85 25.36 -3.91
C ASP B 265 42.77 26.18 -5.18
N GLU B 266 43.91 26.52 -5.76
CA GLU B 266 43.91 27.36 -6.96
C GLU B 266 43.66 26.60 -8.25
N VAL B 267 43.60 25.27 -8.15
CA VAL B 267 43.36 24.38 -9.29
C VAL B 267 41.90 23.94 -9.25
N SER B 268 41.26 24.01 -10.40
CA SER B 268 39.82 23.70 -10.51
C SER B 268 39.48 22.25 -10.30
N PHE B 269 38.22 22.03 -10.00
CA PHE B 269 37.71 20.64 -9.86
C PHE B 269 37.92 19.89 -11.17
N ALA B 270 37.63 20.51 -12.31
CA ALA B 270 37.82 19.86 -13.59
C ALA B 270 39.26 19.40 -13.78
N GLN B 271 40.23 20.25 -13.45
CA GLN B 271 41.63 19.85 -13.60
C GLN B 271 41.96 18.70 -12.65
N HIS B 272 41.48 18.75 -11.41
CA HIS B 272 41.70 17.65 -10.47
C HIS B 272 41.11 16.33 -10.93
N ILE B 273 39.95 16.39 -11.59
CA ILE B 273 39.35 15.21 -12.21
C ILE B 273 40.31 14.62 -13.23
N ASN B 274 40.89 15.48 -14.07
CA ASN B 274 41.85 14.97 -15.05
C ASN B 274 43.10 14.35 -14.43
N GLN B 275 43.48 14.84 -13.24
CA GLN B 275 44.60 14.36 -12.45
C GLN B 275 44.24 13.14 -11.60
N LYS B 276 43.04 12.59 -11.79
CA LYS B 276 42.63 11.30 -11.20
C LYS B 276 42.54 11.35 -9.70
N ILE B 277 42.10 12.50 -9.17
CA ILE B 277 41.95 12.70 -7.74
C ILE B 277 40.52 12.42 -7.29
N ASN B 278 40.33 11.46 -6.39
CA ASN B 278 38.98 11.20 -5.90
C ASN B 278 38.39 12.32 -5.04
N LEU B 279 39.19 12.83 -4.11
CA LEU B 279 38.72 13.81 -3.13
C LEU B 279 39.61 15.04 -3.19
N SER B 280 39.08 16.12 -3.75
CA SER B 280 39.87 17.36 -3.89
C SER B 280 39.39 18.32 -2.80
N ALA B 281 40.25 18.55 -1.81
CA ALA B 281 39.87 19.32 -0.63
C ALA B 281 40.07 20.81 -0.83
N TYR B 282 39.02 21.57 -0.59
CA TYR B 282 39.03 23.02 -0.72
C TYR B 282 38.52 23.70 0.52
N TYR B 283 39.19 24.76 0.95
CA TYR B 283 38.62 25.59 2.00
C TYR B 283 37.25 26.14 1.59
N ARG B 284 37.15 26.66 0.36
CA ARG B 284 35.92 27.23 -0.19
C ARG B 284 35.29 26.21 -1.14
N PHE B 285 34.77 25.15 -0.55
CA PHE B 285 34.24 24.03 -1.31
C PHE B 285 33.02 24.40 -2.15
N ALA B 286 32.16 25.28 -1.64
CA ALA B 286 30.93 25.59 -2.38
C ALA B 286 31.22 26.29 -3.71
N ALA B 287 32.36 26.99 -3.78
CA ALA B 287 32.77 27.74 -4.99
C ALA B 287 33.26 26.85 -6.12
N GLN B 288 33.44 25.56 -5.87
CA GLN B 288 33.97 24.65 -6.88
C GLN B 288 32.85 23.85 -7.51
N SER B 289 33.01 23.61 -8.80
CA SER B 289 32.10 22.73 -9.54
C SER B 289 32.69 22.49 -10.92
N ALA B 290 32.18 21.45 -11.57
CA ALA B 290 32.52 21.14 -12.97
C ALA B 290 31.23 20.72 -13.65
N GLY B 291 30.81 21.48 -14.65
CA GLY B 291 29.51 21.22 -15.30
C GLY B 291 28.31 21.32 -14.38
N GLY B 292 28.42 22.13 -13.34
CA GLY B 292 27.38 22.31 -12.32
C GLY B 292 27.38 21.30 -11.19
N TYR B 293 28.32 20.35 -11.23
CA TYR B 293 28.40 19.27 -10.25
C TYR B 293 29.63 19.35 -9.35
N ARG B 294 29.45 18.86 -8.13
CA ARG B 294 30.57 18.67 -7.20
C ARG B 294 30.91 17.21 -6.98
N ILE B 295 30.09 16.31 -7.52
CA ILE B 295 30.34 14.85 -7.44
C ILE B 295 30.02 14.31 -8.82
N ARG B 296 30.97 13.62 -9.45
CA ARG B 296 30.73 13.07 -10.79
C ARG B 296 31.72 11.96 -11.08
N PRO B 297 31.37 11.04 -11.99
CA PRO B 297 32.37 10.10 -12.44
C PRO B 297 33.53 10.81 -13.11
N PHE B 298 34.74 10.24 -13.02
CA PHE B 298 35.89 10.73 -13.78
C PHE B 298 35.59 10.85 -15.27
N ALA C 1 8.88 0.68 -1.26
CA ALA C 1 8.92 -0.12 -0.02
C ALA C 1 7.50 -0.38 0.47
N GLN C 2 7.19 -1.64 0.62
CA GLN C 2 5.90 -2.12 1.17
C GLN C 2 5.66 -1.51 2.55
N GLU C 3 4.49 -0.92 2.77
CA GLU C 3 4.23 -0.22 4.07
C GLU C 3 4.07 -1.26 5.18
N SER C 4 4.14 -0.81 6.43
CA SER C 4 4.03 -1.72 7.56
C SER C 4 3.39 -1.09 8.78
N PRO C 5 2.23 -0.39 8.60
CA PRO C 5 1.51 0.00 9.82
C PRO C 5 1.08 -1.23 10.62
N ALA C 6 1.00 -1.07 11.93
CA ALA C 6 0.74 -2.20 12.82
C ALA C 6 -0.55 -2.95 12.55
N PHE C 7 -1.55 -2.24 12.01
CA PHE C 7 -2.86 -2.86 11.85
C PHE C 7 -2.92 -3.88 10.71
N ILE C 8 -1.89 -3.94 9.86
CA ILE C 8 -1.89 -4.93 8.77
C ILE C 8 -1.14 -6.20 9.17
N ASP C 9 -1.81 -7.35 9.14
CA ASP C 9 -1.15 -8.62 9.38
C ASP C 9 -0.15 -8.82 8.25
N PRO C 10 1.14 -9.03 8.56
CA PRO C 10 2.11 -9.19 7.47
C PRO C 10 1.85 -10.38 6.52
N ALA C 11 1.10 -11.36 6.97
CA ALA C 11 0.71 -12.49 6.12
C ALA C 11 -0.20 -12.04 4.95
N SER C 12 -0.78 -10.87 5.11
CA SER C 12 -1.72 -10.33 4.06
C SER C 12 -1.04 -10.10 2.72
N TRP C 13 0.23 -9.72 2.75
CA TRP C 13 0.83 -9.17 1.55
C TRP C 13 0.93 -10.14 0.39
N ASN C 14 1.16 -11.42 0.68
CA ASN C 14 1.20 -12.42 -0.37
C ASN C 14 -0.10 -13.15 -0.60
N THR C 15 -1.18 -12.60 -0.07
CA THR C 15 -2.50 -13.19 -0.22
C THR C 15 -3.23 -12.49 -1.34
N PRO C 16 -3.88 -13.26 -2.24
CA PRO C 16 -4.81 -12.63 -3.21
C PRO C 16 -5.77 -11.69 -2.52
N PHE C 17 -6.09 -10.58 -3.17
CA PHE C 17 -6.96 -9.57 -2.52
C PHE C 17 -8.31 -10.16 -2.06
N ASN C 18 -8.87 -11.07 -2.84
CA ASN C 18 -10.12 -11.75 -2.50
C ASN C 18 -10.01 -12.69 -1.28
N GLY C 19 -8.79 -13.01 -0.88
CA GLY C 19 -8.55 -13.80 0.33
C GLY C 19 -8.27 -13.01 1.57
N ILE C 20 -8.46 -11.69 1.52
CA ILE C 20 -8.13 -10.80 2.62
C ILE C 20 -9.40 -10.24 3.21
N ALA C 21 -9.46 -10.26 4.54
CA ALA C 21 -10.52 -9.62 5.32
C ALA C 21 -10.04 -8.30 5.88
N GLN C 22 -10.94 -7.33 5.87
CA GLN C 22 -10.66 -5.98 6.31
C GLN C 22 -11.77 -5.41 7.15
N VAL C 23 -11.38 -4.60 8.11
CA VAL C 23 -12.25 -3.60 8.70
C VAL C 23 -12.35 -2.44 7.73
N ALA C 24 -13.58 -2.05 7.38
CA ALA C 24 -13.88 -0.90 6.53
C ALA C 24 -14.63 0.11 7.35
N CYS C 25 -14.60 1.36 6.91
CA CYS C 25 -15.45 2.35 7.55
C CYS C 25 -16.87 2.24 7.06
N HIS C 26 -17.78 2.87 7.76
CA HIS C 26 -19.14 3.09 7.29
C HIS C 26 -19.40 4.60 7.35
N ASN C 27 -19.52 5.22 6.19
CA ASN C 27 -19.84 6.66 6.12
C ASN C 27 -18.82 7.52 6.85
N CYS C 28 -17.55 7.18 6.70
CA CYS C 28 -16.50 7.90 7.45
C CYS C 28 -16.17 9.30 6.92
N TYR C 29 -16.87 9.75 5.89
CA TYR C 29 -16.84 11.15 5.47
C TYR C 29 -17.60 12.06 6.44
N GLU C 30 -18.45 11.46 7.27
CA GLU C 30 -19.21 12.26 8.23
C GLU C 30 -18.34 12.71 9.38
N LYS C 31 -18.49 13.99 9.75
CA LYS C 31 -17.72 14.58 10.83
C LYS C 31 -17.85 13.83 12.15
N GLN C 32 -19.00 13.20 12.38
CA GLN C 32 -19.23 12.45 13.63
C GLN C 32 -18.34 11.21 13.76
N TYR C 33 -17.80 10.72 12.63
CA TYR C 33 -17.02 9.47 12.64
C TYR C 33 -15.52 9.67 12.50
N ALA C 34 -15.09 10.85 12.06
CA ALA C 34 -13.67 11.14 11.94
C ALA C 34 -13.48 12.63 11.80
N ASN C 35 -12.39 13.14 12.34
N ASN C 35 -12.39 13.14 12.33
CA ASN C 35 -12.15 14.58 12.28
CA ASN C 35 -12.14 14.56 12.25
C ASN C 35 -11.80 15.05 10.85
C ASN C 35 -11.81 15.04 10.85
N THR C 36 -11.08 14.23 10.11
CA THR C 36 -10.78 14.48 8.72
C THR C 36 -10.95 13.17 7.96
N PHE C 37 -11.28 13.29 6.68
CA PHE C 37 -11.39 12.09 5.86
C PHE C 37 -10.04 11.37 5.76
N SER C 38 -8.98 12.14 5.58
N SER C 38 -8.97 12.15 5.59
CA SER C 38 -7.64 11.56 5.43
CA SER C 38 -7.61 11.59 5.45
C SER C 38 -7.20 10.78 6.67
C SER C 38 -7.20 10.77 6.68
N SER C 39 -7.63 11.23 7.86
CA SER C 39 -7.25 10.54 9.09
C SER C 39 -7.76 9.09 9.16
N VAL C 40 -8.82 8.78 8.42
CA VAL C 40 -9.35 7.41 8.42
C VAL C 40 -8.27 6.42 8.00
N LEU C 41 -7.40 6.86 7.07
CA LEU C 41 -6.31 6.02 6.57
C LEU C 41 -5.21 5.77 7.62
N ASP C 42 -5.31 6.40 8.79
CA ASP C 42 -4.44 5.96 9.89
C ASP C 42 -4.86 4.59 10.43
N SER C 43 -6.08 4.18 10.15
CA SER C 43 -6.68 2.98 10.78
C SER C 43 -7.10 1.87 9.82
N VAL C 44 -7.56 2.19 8.62
CA VAL C 44 -8.11 1.22 7.68
C VAL C 44 -7.69 1.61 6.27
N ARG C 45 -7.97 0.70 5.33
CA ARG C 45 -7.68 0.91 3.91
C ARG C 45 -8.94 0.89 3.04
N THR C 46 -10.13 0.89 3.65
CA THR C 46 -11.38 0.88 2.91
C THR C 46 -12.29 1.94 3.50
N LEU C 47 -12.65 2.90 2.64
CA LEU C 47 -13.34 4.14 3.00
C LEU C 47 -14.65 4.26 2.22
N GLU C 48 -15.43 5.30 2.49
CA GLU C 48 -16.75 5.46 1.86
C GLU C 48 -17.08 6.93 1.72
N LEU C 49 -17.73 7.25 0.59
CA LEU C 49 -18.28 8.59 0.28
C LEU C 49 -19.69 8.44 -0.24
N ASP C 50 -20.62 9.22 0.30
CA ASP C 50 -22.00 9.31 -0.23
C ASP C 50 -22.06 10.54 -1.09
N PHE C 51 -22.53 10.40 -2.34
CA PHE C 51 -22.47 11.50 -3.28
C PHE C 51 -23.78 11.77 -3.99
N TRP C 52 -24.07 13.06 -4.12
CA TRP C 52 -25.35 13.61 -4.58
C TRP C 52 -25.12 14.48 -5.81
N ASP C 53 -26.07 14.42 -6.73
CA ASP C 53 -26.04 15.29 -7.92
C ASP C 53 -26.49 16.73 -7.61
N GLN C 54 -27.53 16.84 -6.78
CA GLN C 54 -28.12 18.13 -6.47
C GLN C 54 -27.69 18.67 -5.12
N ARG C 55 -27.90 19.98 -4.94
CA ARG C 55 -27.50 20.68 -3.71
C ARG C 55 -28.44 20.33 -2.57
N ASP C 56 -29.70 20.14 -2.90
CA ASP C 56 -30.68 19.46 -2.03
C ASP C 56 -31.16 18.24 -2.79
N ALA C 57 -32.41 17.80 -2.61
CA ALA C 57 -32.91 16.67 -3.38
C ALA C 57 -33.18 17.01 -4.83
N VAL C 58 -33.35 18.30 -5.14
CA VAL C 58 -34.04 18.71 -6.37
C VAL C 58 -33.20 19.58 -7.31
N SER C 59 -32.48 20.57 -6.79
CA SER C 59 -31.85 21.57 -7.67
C SER C 59 -30.44 21.89 -7.23
N GLY C 60 -29.70 22.57 -8.10
CA GLY C 60 -28.41 23.12 -7.72
C GLY C 60 -27.22 22.34 -8.20
N GLY C 61 -27.43 21.26 -8.96
CA GLY C 61 -26.32 20.53 -9.55
C GLY C 61 -25.60 21.35 -10.62
N SER C 62 -24.36 20.96 -10.88
CA SER C 62 -23.56 21.55 -11.94
C SER C 62 -22.82 20.45 -12.69
N PRO C 63 -22.39 20.72 -13.92
CA PRO C 63 -21.69 19.70 -14.68
C PRO C 63 -20.38 19.29 -14.02
N HIS C 64 -20.07 18.01 -14.13
CA HIS C 64 -18.74 17.51 -13.77
C HIS C 64 -18.44 17.68 -12.29
N HIS C 65 -19.48 17.65 -11.46
CA HIS C 65 -19.40 17.94 -10.05
C HIS C 65 -20.45 17.14 -9.31
N TRP C 66 -20.09 16.67 -8.12
CA TRP C 66 -21.06 16.06 -7.20
C TRP C 66 -20.75 16.57 -5.80
N PHE C 67 -21.79 16.60 -4.97
CA PHE C 67 -21.69 16.95 -3.56
C PHE C 67 -21.47 15.70 -2.71
N VAL C 68 -20.89 15.89 -1.52
CA VAL C 68 -20.74 14.78 -0.56
C VAL C 68 -21.41 15.18 0.76
N ARG C 69 -22.42 14.40 1.12
CA ARG C 69 -23.19 14.57 2.34
C ARG C 69 -24.02 13.33 2.57
N HIS C 70 -24.54 13.19 3.77
CA HIS C 70 -25.38 12.03 4.07
C HIS C 70 -26.82 12.20 3.62
N ASN C 71 -27.40 13.31 4.00
CA ASN C 71 -28.86 13.50 3.85
C ASN C 71 -29.25 14.24 2.58
N PRO C 72 -30.52 14.13 2.15
CA PRO C 72 -30.94 14.82 0.93
C PRO C 72 -30.80 16.31 1.02
N GLY C 73 -31.06 16.89 2.20
CA GLY C 73 -30.78 18.28 2.43
C GLY C 73 -29.76 18.40 3.53
N THR C 74 -29.08 19.54 3.53
CA THR C 74 -28.16 19.88 4.59
C THR C 74 -28.35 21.35 4.91
N LEU C 75 -28.07 21.72 6.15
CA LEU C 75 -28.08 23.13 6.55
C LEU C 75 -26.80 23.85 6.10
N PHE C 76 -25.78 23.12 5.64
CA PHE C 76 -24.59 23.76 5.04
C PHE C 76 -24.93 24.35 3.68
N GLN C 77 -24.70 25.66 3.55
CA GLN C 77 -25.07 26.39 2.32
C GLN C 77 -24.45 25.78 1.07
N SER C 78 -23.28 25.16 1.20
CA SER C 78 -22.61 24.61 0.02
C SER C 78 -23.22 23.30 -0.56
N GLY C 79 -24.11 22.66 0.20
CA GLY C 79 -24.58 21.28 -0.20
C GLY C 79 -23.64 20.13 0.20
N ASN C 80 -22.51 20.49 0.79
CA ASN C 80 -21.52 19.51 1.27
C ASN C 80 -21.55 19.51 2.78
N ASP C 81 -21.52 18.31 3.36
CA ASP C 81 -21.46 18.14 4.82
C ASP C 81 -20.57 16.94 5.08
N ASN C 82 -19.29 17.20 5.31
CA ASN C 82 -18.31 16.12 5.37
C ASN C 82 -17.02 16.66 5.97
N ASN C 83 -16.09 15.74 6.21
CA ASN C 83 -14.79 16.03 6.83
C ASN C 83 -13.63 16.05 5.84
N CYS C 84 -13.93 16.24 4.55
CA CYS C 84 -12.90 16.36 3.53
C CYS C 84 -12.28 17.76 3.54
N THR C 85 -11.10 17.87 2.93
CA THR C 85 -10.45 19.18 2.75
C THR C 85 -11.39 20.21 2.05
N GLY C 86 -11.48 21.38 2.68
CA GLY C 86 -12.44 22.46 2.32
C GLY C 86 -13.72 22.68 3.19
N ASP C 87 -13.84 21.86 4.24
N ASP C 87 -13.95 21.92 4.25
CA ASP C 87 -14.86 22.02 5.28
CA ASP C 87 -15.18 22.14 5.06
C ASP C 87 -14.66 23.34 6.06
C ASP C 87 -15.43 23.56 5.57
N LYS C 91 -16.50 24.26 -0.46
CA LYS C 91 -15.78 23.60 -1.57
C LYS C 91 -15.19 22.16 -1.33
N ASN C 92 -15.65 21.54 -0.26
CA ASN C 92 -15.37 20.14 0.06
C ASN C 92 -16.38 19.23 -0.65
N ASP C 93 -16.26 19.17 -1.96
CA ASP C 93 -17.13 18.37 -2.81
C ASP C 93 -16.55 16.97 -3.07
N LEU C 94 -17.17 16.23 -3.98
CA LEU C 94 -16.67 14.88 -4.28
C LEU C 94 -15.21 14.94 -4.73
N GLU C 95 -14.91 15.84 -5.67
CA GLU C 95 -13.56 15.94 -6.19
C GLU C 95 -12.55 16.21 -5.04
N ALA C 96 -12.91 17.10 -4.11
CA ALA C 96 -12.04 17.37 -2.97
C ALA C 96 -11.79 16.11 -2.13
N CYS C 97 -12.85 15.38 -1.85
CA CYS C 97 -12.70 14.13 -1.07
C CYS C 97 -11.82 13.10 -1.78
N LEU C 98 -12.02 12.97 -3.08
CA LEU C 98 -11.18 12.07 -3.85
C LEU C 98 -9.73 12.52 -3.82
N ASN C 99 -9.51 13.83 -3.96
CA ASN C 99 -8.15 14.36 -3.86
C ASN C 99 -7.48 14.09 -2.51
N ASP C 100 -8.27 14.05 -1.45
CA ASP C 100 -7.66 13.69 -0.15
C ASP C 100 -7.06 12.30 -0.21
N VAL C 101 -7.77 11.36 -0.86
CA VAL C 101 -7.26 10.01 -1.00
C VAL C 101 -6.01 9.97 -1.91
N LYS C 102 -6.11 10.67 -3.04
CA LYS C 102 -5.00 10.78 -3.97
C LYS C 102 -3.74 11.30 -3.27
N ASN C 103 -3.93 12.37 -2.51
CA ASN C 103 -2.80 13.00 -1.81
C ASN C 103 -2.21 12.08 -0.75
N TRP C 104 -3.06 11.37 0.00
CA TRP C 104 -2.56 10.42 0.98
C TRP C 104 -1.72 9.35 0.26
N SER C 105 -2.26 8.86 -0.84
CA SER C 105 -1.55 7.83 -1.61
C SER C 105 -0.17 8.32 -2.03
N ASP C 106 -0.09 9.53 -2.60
CA ASP C 106 1.20 10.09 -2.98
C ASP C 106 2.19 10.14 -1.81
N LYS C 107 1.69 10.43 -0.61
CA LYS C 107 2.55 10.54 0.56
C LYS C 107 2.95 9.22 1.18
N HIS C 108 2.31 8.12 0.74
CA HIS C 108 2.56 6.78 1.30
C HIS C 108 2.84 5.77 0.20
N PRO C 109 3.96 5.97 -0.53
CA PRO C 109 4.31 4.98 -1.55
C PRO C 109 4.42 3.58 -0.92
N GLY C 110 3.98 2.59 -1.67
CA GLY C 110 4.00 1.19 -1.20
C GLY C 110 2.79 0.81 -0.36
N HIS C 111 1.76 1.65 -0.35
CA HIS C 111 0.63 1.37 0.51
C HIS C 111 -0.15 0.16 0.07
N PHE C 112 -0.73 -0.51 1.05
CA PHE C 112 -1.76 -1.52 0.79
C PHE C 112 -2.85 -0.88 -0.06
N PRO C 113 -3.46 -1.62 -0.99
CA PRO C 113 -4.46 -0.99 -1.85
C PRO C 113 -5.61 -0.36 -1.08
N ILE C 114 -6.02 0.82 -1.51
CA ILE C 114 -7.14 1.52 -0.94
C ILE C 114 -8.40 1.21 -1.73
N THR C 115 -9.47 0.84 -1.03
CA THR C 115 -10.78 0.63 -1.65
C THR C 115 -11.70 1.75 -1.22
N LEU C 116 -12.31 2.43 -2.20
CA LEU C 116 -13.24 3.53 -1.93
CA LEU C 116 -13.19 3.52 -1.93
C LEU C 116 -14.62 3.19 -2.40
N ILE C 117 -15.55 3.07 -1.45
CA ILE C 117 -16.96 2.79 -1.73
C ILE C 117 -17.64 4.13 -2.03
N LEU C 118 -18.11 4.27 -3.27
CA LEU C 118 -18.79 5.46 -3.75
C LEU C 118 -20.27 5.15 -3.81
N ASP C 119 -20.98 5.62 -2.78
CA ASP C 119 -22.39 5.29 -2.56
C ASP C 119 -23.20 6.41 -3.19
N LYS C 120 -23.73 6.12 -4.39
CA LYS C 120 -24.44 7.09 -5.17
C LYS C 120 -25.86 7.24 -4.64
N LYS C 121 -26.27 8.47 -4.38
CA LYS C 121 -27.56 8.71 -3.69
C LYS C 121 -28.70 9.12 -4.61
N GLN C 122 -28.43 9.48 -5.85
CA GLN C 122 -29.43 9.85 -6.81
C GLN C 122 -29.25 9.06 -8.09
N GLY C 123 -30.20 9.17 -8.99
CA GLY C 123 -30.09 8.53 -10.27
C GLY C 123 -29.02 9.15 -11.14
N TRP C 124 -28.77 8.53 -12.28
CA TRP C 124 -27.87 9.14 -13.26
C TRP C 124 -28.56 10.32 -13.87
N SER C 125 -27.89 11.47 -13.88
CA SER C 125 -28.44 12.58 -14.59
C SER C 125 -28.32 12.30 -16.10
N LYS C 126 -29.19 12.97 -16.82
CA LYS C 126 -29.46 12.65 -18.22
C LYS C 126 -28.41 13.20 -19.19
N GLU C 127 -28.56 12.87 -20.46
CA GLU C 127 -27.67 13.31 -21.50
C GLU C 127 -27.47 14.82 -21.43
N SER C 128 -26.21 15.21 -21.66
CA SER C 128 -25.74 16.61 -21.68
C SER C 128 -25.68 17.26 -20.30
N SER C 129 -25.88 16.52 -19.23
CA SER C 129 -25.87 17.12 -17.89
C SER C 129 -24.47 17.28 -17.31
N GLY C 130 -23.49 16.59 -17.90
CA GLY C 130 -22.16 16.54 -17.32
C GLY C 130 -22.05 15.63 -16.13
N ARG C 131 -23.06 14.82 -15.84
CA ARG C 131 -23.03 13.89 -14.70
C ARG C 131 -23.49 12.48 -15.13
N THR C 132 -23.24 12.14 -16.38
CA THR C 132 -23.54 10.80 -16.88
C THR C 132 -22.46 9.79 -16.41
N PRO C 133 -22.65 8.50 -16.69
CA PRO C 133 -21.58 7.53 -16.35
C PRO C 133 -20.23 7.90 -16.92
N LYS C 134 -20.19 8.34 -18.17
CA LYS C 134 -18.89 8.73 -18.77
C LYS C 134 -18.26 9.91 -18.03
N ASP C 135 -19.08 10.88 -17.63
CA ASP C 135 -18.57 12.03 -16.88
C ASP C 135 -18.02 11.65 -15.51
N PHE C 136 -18.69 10.68 -14.88
CA PHE C 136 -18.21 10.15 -13.59
C PHE C 136 -16.85 9.48 -13.76
N ASP C 137 -16.73 8.63 -14.78
CA ASP C 137 -15.44 7.99 -15.06
C ASP C 137 -14.36 9.02 -15.37
N GLU C 138 -14.74 10.07 -16.10
CA GLU C 138 -13.74 11.09 -16.43
C GLU C 138 -13.24 11.81 -15.19
N LEU C 139 -14.13 12.09 -14.25
CA LEU C 139 -13.73 12.75 -13.01
C LEU C 139 -12.76 11.85 -12.25
N VAL C 140 -13.15 10.59 -12.02
CA VAL C 140 -12.29 9.76 -11.18
C VAL C 140 -10.94 9.50 -11.84
N ALA C 141 -10.94 9.35 -13.13
CA ALA C 141 -9.69 9.17 -13.84
C ALA C 141 -8.81 10.41 -13.80
N ARG C 142 -9.43 11.58 -13.91
CA ARG C 142 -8.66 12.83 -13.84
C ARG C 142 -8.00 12.99 -12.47
N VAL C 143 -8.74 12.67 -11.41
CA VAL C 143 -8.18 12.78 -10.06
C VAL C 143 -7.07 11.77 -9.84
N PHE C 144 -7.36 10.50 -10.12
CA PHE C 144 -6.46 9.42 -9.71
C PHE C 144 -5.38 9.05 -10.70
N GLN C 145 -5.64 9.37 -11.98
CA GLN C 145 -4.77 9.05 -13.07
C GLN C 145 -4.38 7.55 -13.07
N GLY C 146 -3.09 7.27 -12.99
CA GLY C 146 -2.62 5.92 -13.03
C GLY C 146 -2.78 5.12 -11.75
N LYS C 147 -3.35 5.72 -10.70
CA LYS C 147 -3.49 4.97 -9.46
C LYS C 147 -4.57 3.90 -9.47
N LEU C 148 -5.51 3.97 -10.41
CA LEU C 148 -6.64 3.05 -10.39
C LEU C 148 -6.25 1.63 -10.78
N PHE C 149 -6.94 0.67 -10.13
CA PHE C 149 -7.03 -0.71 -10.56
C PHE C 149 -8.51 -0.92 -10.92
N THR C 150 -8.79 -1.31 -12.15
CA THR C 150 -10.16 -1.33 -12.70
C THR C 150 -10.63 -2.74 -13.02
N PRO C 151 -11.91 -2.87 -13.35
CA PRO C 151 -12.40 -4.20 -13.79
C PRO C 151 -11.58 -4.80 -14.93
N GLN C 152 -11.21 -4.00 -15.94
CA GLN C 152 -10.40 -4.52 -17.02
C GLN C 152 -9.05 -5.04 -16.50
N ASP C 153 -8.45 -4.35 -15.55
CA ASP C 153 -7.18 -4.82 -15.01
C ASP C 153 -7.35 -6.19 -14.36
N LEU C 154 -8.45 -6.37 -13.62
CA LEU C 154 -8.72 -7.68 -13.02
C LEU C 154 -8.94 -8.74 -14.07
N ALA C 155 -9.74 -8.39 -15.08
CA ALA C 155 -10.05 -9.32 -16.15
C ALA C 155 -8.76 -9.82 -16.84
N THR C 156 -7.87 -8.88 -17.16
CA THR C 156 -6.59 -9.25 -17.73
C THR C 156 -5.81 -10.18 -16.81
N HIS C 157 -5.80 -9.88 -15.50
CA HIS C 157 -5.13 -10.73 -14.55
C HIS C 157 -5.60 -12.18 -14.61
N ILE C 158 -6.90 -12.40 -14.72
CA ILE C 158 -7.46 -13.75 -14.71
C ILE C 158 -7.62 -14.34 -16.11
N GLY C 159 -7.20 -13.62 -17.15
CA GLY C 159 -7.30 -14.12 -18.52
C GLY C 159 -8.68 -14.09 -19.14
N SER C 160 -9.51 -13.15 -18.71
CA SER C 160 -10.92 -13.07 -19.11
C SER C 160 -11.23 -11.76 -19.78
N GLY C 161 -12.30 -11.72 -20.55
CA GLY C 161 -12.96 -10.45 -20.81
C GLY C 161 -13.58 -9.87 -19.55
N ALA C 162 -13.66 -8.55 -19.46
CA ALA C 162 -14.29 -7.93 -18.29
C ALA C 162 -15.77 -8.29 -18.15
N GLY C 163 -16.45 -8.50 -19.29
CA GLY C 163 -17.86 -8.85 -19.25
C GLY C 163 -18.13 -10.26 -18.81
N ALA C 164 -17.09 -11.06 -18.58
CA ALA C 164 -17.19 -12.42 -18.11
C ALA C 164 -16.60 -12.60 -16.71
N LEU C 165 -16.33 -11.48 -16.03
CA LEU C 165 -15.81 -11.57 -14.67
C LEU C 165 -16.73 -12.38 -13.74
N GLN C 166 -18.04 -12.18 -13.87
CA GLN C 166 -18.97 -12.70 -12.87
C GLN C 166 -18.71 -14.15 -12.55
N GLY C 167 -18.69 -14.98 -13.58
CA GLY C 167 -18.48 -16.41 -13.44
C GLY C 167 -17.05 -16.85 -13.62
N ASN C 168 -16.26 -16.14 -14.43
CA ASN C 168 -14.88 -16.56 -14.63
C ASN C 168 -14.03 -16.35 -13.39
N LEU C 169 -14.45 -15.47 -12.47
CA LEU C 169 -13.72 -15.30 -11.22
C LEU C 169 -13.77 -16.53 -10.33
N LYS C 170 -14.77 -17.39 -10.46
CA LYS C 170 -14.89 -18.53 -9.58
C LYS C 170 -13.67 -19.45 -9.77
N GLY C 171 -12.97 -19.75 -8.69
CA GLY C 171 -11.76 -20.54 -8.77
C GLY C 171 -10.50 -19.76 -9.08
N LYS C 172 -10.61 -18.45 -9.20
CA LYS C 172 -9.47 -17.62 -9.58
CA LYS C 172 -9.47 -17.61 -9.57
C LYS C 172 -9.08 -16.67 -8.43
N SER C 173 -7.81 -16.31 -8.44
CA SER C 173 -7.26 -15.37 -7.46
C SER C 173 -7.10 -13.97 -8.07
N TRP C 174 -7.47 -12.95 -7.32
CA TRP C 174 -7.11 -11.57 -7.65
C TRP C 174 -5.60 -11.41 -7.45
N PRO C 175 -5.01 -10.32 -7.98
CA PRO C 175 -3.65 -9.97 -7.59
C PRO C 175 -3.53 -9.90 -6.08
N THR C 176 -2.33 -10.16 -5.59
CA THR C 176 -2.07 -10.07 -4.16
C THR C 176 -2.04 -8.62 -3.69
N ALA C 177 -2.13 -8.41 -2.37
CA ALA C 177 -1.95 -7.08 -1.83
C ALA C 177 -0.60 -6.47 -2.26
N ASN C 178 0.45 -7.31 -2.25
CA ASN C 178 1.75 -6.86 -2.75
C ASN C 178 1.70 -6.41 -4.20
N ASP C 179 1.03 -7.18 -5.04
CA ASP C 179 0.86 -6.80 -6.44
C ASP C 179 0.11 -5.47 -6.59
N LEU C 180 -0.77 -5.19 -5.62
CA LEU C 180 -1.63 -4.03 -5.63
C LEU C 180 -1.10 -2.86 -4.78
N GLN C 181 0.20 -2.85 -4.48
CA GLN C 181 0.78 -1.71 -3.79
C GLN C 181 0.51 -0.44 -4.55
N GLY C 182 0.12 0.57 -3.81
CA GLY C 182 -0.11 1.90 -4.38
C GLY C 182 -1.39 2.06 -5.19
N LYS C 183 -2.24 1.02 -5.24
CA LYS C 183 -3.44 1.07 -6.05
C LYS C 183 -4.64 1.62 -5.27
N VAL C 184 -5.57 2.17 -6.06
CA VAL C 184 -6.88 2.61 -5.57
C VAL C 184 -7.94 1.86 -6.40
N LEU C 185 -8.88 1.23 -5.68
CA LEU C 185 -10.01 0.51 -6.26
C LEU C 185 -11.26 1.29 -5.94
N LEU C 186 -12.06 1.63 -6.95
CA LEU C 186 -13.29 2.36 -6.77
C LEU C 186 -14.47 1.42 -6.93
N VAL C 187 -15.47 1.59 -6.07
CA VAL C 187 -16.63 0.68 -6.04
C VAL C 187 -17.91 1.52 -6.07
N LEU C 188 -18.84 1.17 -6.94
CA LEU C 188 -20.13 1.87 -7.03
C LEU C 188 -21.18 1.10 -6.26
N ASN C 189 -21.86 1.81 -5.35
CA ASN C 189 -23.08 1.31 -4.71
C ASN C 189 -24.23 2.25 -5.05
N HIS C 190 -25.44 1.73 -4.92
CA HIS C 190 -26.68 2.49 -5.04
C HIS C 190 -27.77 1.62 -4.41
N SER C 191 -28.82 2.23 -3.89
N SER C 191 -28.83 2.23 -3.89
CA SER C 191 -29.92 1.42 -3.37
CA SER C 191 -29.93 1.42 -3.37
C SER C 191 -30.59 0.54 -4.43
C SER C 191 -30.57 0.53 -4.43
N GLU C 192 -30.51 0.97 -5.68
CA GLU C 192 -31.20 0.31 -6.80
C GLU C 192 -30.18 -0.26 -7.76
N ASN C 193 -30.19 -1.57 -7.94
CA ASN C 193 -29.26 -2.19 -8.90
C ASN C 193 -29.44 -1.71 -10.33
N GLN C 194 -30.64 -1.22 -10.68
N GLN C 194 -30.64 -1.23 -10.70
CA GLN C 194 -30.83 -0.66 -12.01
CA GLN C 194 -30.80 -0.69 -12.05
C GLN C 194 -29.82 0.45 -12.32
C GLN C 194 -29.82 0.44 -12.33
N LYS C 195 -29.45 1.24 -11.32
CA LYS C 195 -28.48 2.32 -11.56
C LYS C 195 -27.08 1.78 -11.87
N LEU C 196 -26.73 0.66 -11.26
CA LEU C 196 -25.45 -0.02 -11.57
C LEU C 196 -25.51 -0.60 -12.96
N SER C 197 -26.67 -1.16 -13.33
CA SER C 197 -26.83 -1.75 -14.67
C SER C 197 -26.68 -0.67 -15.73
N GLN C 198 -27.24 0.51 -15.46
CA GLN C 198 -27.11 1.63 -16.38
C GLN C 198 -25.66 2.05 -16.55
N TYR C 199 -24.92 2.10 -15.45
CA TYR C 199 -23.50 2.42 -15.51
C TYR C 199 -22.74 1.39 -16.36
N ALA C 200 -22.94 0.11 -16.09
CA ALA C 200 -22.21 -0.93 -16.81
C ALA C 200 -22.57 -1.00 -18.29
N GLU C 201 -23.84 -0.79 -18.64
CA GLU C 201 -24.22 -0.77 -20.05
C GLU C 201 -23.54 0.41 -20.77
N ALA C 202 -23.42 1.53 -20.07
CA ALA C 202 -22.76 2.69 -20.66
C ALA C 202 -21.27 2.51 -20.83
N ARG C 203 -20.61 1.96 -19.81
CA ARG C 203 -19.15 1.96 -19.75
C ARG C 203 -18.49 0.67 -20.18
N THR C 204 -19.20 -0.45 -20.07
CA THR C 204 -18.69 -1.78 -20.39
C THR C 204 -17.26 -1.98 -19.87
N SER C 205 -16.35 -2.45 -20.70
CA SER C 205 -14.97 -2.78 -20.29
CA SER C 205 -15.01 -2.82 -20.20
C SER C 205 -14.12 -1.58 -19.97
N LYS C 206 -14.60 -0.39 -20.38
CA LYS C 206 -13.90 0.85 -20.09
C LYS C 206 -14.10 1.37 -18.67
N ALA C 207 -15.04 0.77 -17.94
CA ALA C 207 -15.44 1.26 -16.64
C ALA C 207 -14.22 1.49 -15.74
N LYS C 208 -14.21 2.64 -15.08
CA LYS C 208 -13.18 2.91 -14.08
C LYS C 208 -13.52 2.37 -12.70
N VAL C 209 -14.78 1.99 -12.51
CA VAL C 209 -15.32 1.64 -11.21
C VAL C 209 -15.93 0.24 -11.27
N PHE C 210 -15.71 -0.53 -10.20
CA PHE C 210 -16.37 -1.81 -9.99
C PHE C 210 -17.81 -1.63 -9.54
N ILE C 211 -18.76 -2.26 -10.18
CA ILE C 211 -20.13 -2.26 -9.67
C ILE C 211 -20.29 -3.32 -8.58
N SER C 212 -21.03 -3.00 -7.52
CA SER C 212 -21.26 -3.93 -6.43
C SER C 212 -22.73 -3.92 -6.07
N PRO C 213 -23.51 -4.84 -6.68
CA PRO C 213 -24.97 -4.79 -6.47
C PRO C 213 -25.41 -5.18 -5.09
N VAL C 214 -26.56 -4.64 -4.72
CA VAL C 214 -27.31 -5.11 -3.56
C VAL C 214 -27.56 -6.59 -3.77
N THR C 215 -27.21 -7.37 -2.75
CA THR C 215 -27.20 -8.83 -2.82
C THR C 215 -28.04 -9.44 -1.74
N ASN C 216 -29.08 -10.16 -2.16
CA ASN C 216 -29.96 -10.83 -1.18
C ASN C 216 -30.40 -12.20 -1.69
N GLY C 217 -29.67 -12.75 -2.64
CA GLY C 217 -29.91 -14.09 -3.14
C GLY C 217 -28.75 -14.52 -4.00
N GLN C 218 -28.67 -15.82 -4.27
CA GLN C 218 -27.59 -16.37 -5.07
C GLN C 218 -27.49 -15.71 -6.43
N ASN C 219 -28.62 -15.45 -7.05
CA ASN C 219 -28.60 -14.91 -8.40
C ASN C 219 -27.94 -13.52 -8.47
N ASP C 220 -27.89 -12.79 -7.35
CA ASP C 220 -27.23 -11.51 -7.31
C ASP C 220 -25.71 -11.62 -7.36
N ILE C 221 -25.21 -12.81 -7.06
CA ILE C 221 -23.78 -13.15 -7.16
CA ILE C 221 -23.78 -13.11 -7.19
C ILE C 221 -23.47 -13.69 -8.57
N SER C 222 -24.19 -14.74 -8.93
CA SER C 222 -23.80 -15.61 -10.05
C SER C 222 -24.83 -15.76 -11.16
N GLY C 223 -25.99 -15.14 -11.03
CA GLY C 223 -27.05 -15.28 -12.00
C GLY C 223 -27.35 -13.99 -12.69
N LYS C 224 -28.58 -13.86 -13.18
CA LYS C 224 -29.03 -12.56 -13.70
C LYS C 224 -29.39 -11.73 -12.46
N VAL C 225 -28.57 -10.73 -12.18
CA VAL C 225 -28.69 -9.97 -10.93
C VAL C 225 -30.02 -9.23 -10.91
N SER C 226 -30.66 -9.21 -9.75
CA SER C 226 -31.91 -8.46 -9.58
C SER C 226 -31.74 -7.02 -10.06
N GLY C 227 -32.64 -6.55 -10.89
CA GLY C 227 -32.62 -5.19 -11.37
C GLY C 227 -31.62 -4.87 -12.46
N MET C 228 -30.92 -5.89 -12.98
CA MET C 228 -29.88 -5.66 -13.99
C MET C 228 -30.12 -6.52 -15.22
N SER C 229 -29.49 -6.13 -16.32
CA SER C 229 -29.44 -6.93 -17.53
C SER C 229 -28.44 -8.08 -17.40
N SER C 230 -28.48 -9.01 -18.35
CA SER C 230 -27.44 -10.02 -18.46
C SER C 230 -26.08 -9.41 -18.66
N GLN C 231 -25.98 -8.47 -19.60
CA GLN C 231 -24.72 -7.77 -19.87
C GLN C 231 -24.12 -7.23 -18.58
N SER C 232 -24.93 -6.48 -17.83
CA SER C 232 -24.38 -5.85 -16.66
C SER C 232 -23.99 -6.84 -15.56
N SER C 233 -24.79 -7.89 -15.43
CA SER C 233 -24.51 -8.96 -14.49
C SER C 233 -23.12 -9.55 -14.69
N GLY C 234 -22.72 -9.66 -15.97
CA GLY C 234 -21.45 -10.28 -16.27
C GLY C 234 -20.22 -9.53 -15.75
N TYR C 235 -20.36 -8.22 -15.50
CA TYR C 235 -19.25 -7.41 -14.99
C TYR C 235 -19.13 -7.48 -13.46
N VAL C 236 -20.02 -8.21 -12.78
CA VAL C 236 -20.05 -8.19 -11.32
C VAL C 236 -18.89 -9.00 -10.69
N ALA C 237 -18.03 -8.26 -9.97
CA ALA C 237 -16.87 -8.81 -9.29
C ALA C 237 -16.90 -8.47 -7.79
N MET C 238 -17.98 -7.84 -7.34
CA MET C 238 -18.14 -7.36 -5.98
C MET C 238 -19.60 -7.44 -5.63
N ASN C 239 -19.90 -7.63 -4.34
CA ASN C 239 -21.29 -7.72 -3.89
C ASN C 239 -21.46 -6.99 -2.57
N ASN C 240 -22.61 -6.34 -2.42
N ASN C 240 -22.59 -6.30 -2.42
CA ASN C 240 -22.94 -5.43 -1.31
CA ASN C 240 -22.87 -5.45 -1.24
C ASN C 240 -24.08 -6.02 -0.48
C ASN C 240 -24.08 -6.02 -0.47
N MET C 241 -23.86 -6.31 0.79
CA MET C 241 -24.85 -6.96 1.66
CA MET C 241 -24.84 -6.98 1.65
C MET C 241 -25.11 -6.19 2.93
N GLY C 242 -26.39 -6.03 3.28
CA GLY C 242 -26.73 -5.55 4.60
C GLY C 242 -26.65 -6.67 5.61
N LYS C 243 -26.87 -6.32 6.88
CA LYS C 243 -26.72 -7.25 7.99
CA LYS C 243 -26.72 -7.25 7.99
C LYS C 243 -27.52 -8.54 7.79
N GLY C 244 -28.75 -8.37 7.34
CA GLY C 244 -29.64 -9.52 7.15
C GLY C 244 -29.26 -10.45 6.02
N ASP C 245 -28.39 -9.96 5.14
CA ASP C 245 -27.98 -10.69 3.94
C ASP C 245 -26.56 -11.20 4.00
N LYS C 246 -25.93 -11.11 5.17
CA LYS C 246 -24.51 -11.42 5.26
C LYS C 246 -24.13 -12.86 5.01
N SER C 247 -25.09 -13.77 5.13
N SER C 247 -25.09 -13.77 5.13
CA SER C 247 -24.83 -15.16 4.80
CA SER C 247 -24.83 -15.16 4.79
C SER C 247 -24.33 -15.31 3.37
C SER C 247 -24.32 -15.31 3.37
N TRP C 248 -24.73 -14.40 2.48
CA TRP C 248 -24.30 -14.46 1.08
C TRP C 248 -22.81 -14.15 0.89
N ALA C 249 -22.13 -13.62 1.89
CA ALA C 249 -20.71 -13.36 1.74
C ALA C 249 -19.91 -14.65 1.46
N LYS C 250 -20.36 -15.77 2.02
CA LYS C 250 -19.71 -17.04 1.72
C LYS C 250 -19.75 -17.35 0.23
N GLN C 251 -20.83 -16.98 -0.43
CA GLN C 251 -20.94 -17.19 -1.88
C GLN C 251 -20.12 -16.17 -2.65
N ALA C 252 -20.06 -14.92 -2.19
CA ALA C 252 -19.13 -13.97 -2.79
C ALA C 252 -17.72 -14.53 -2.73
N PHE C 253 -17.35 -15.05 -1.55
CA PHE C 253 -16.04 -15.68 -1.36
C PHE C 253 -15.83 -16.84 -2.32
N ALA C 254 -16.84 -17.71 -2.45
CA ALA C 254 -16.75 -18.85 -3.36
C ALA C 254 -16.52 -18.41 -4.83
N TYR C 255 -17.09 -17.28 -5.19
CA TYR C 255 -16.99 -16.73 -6.54
C TYR C 255 -15.85 -15.76 -6.76
N SER C 256 -15.01 -15.59 -5.73
CA SER C 256 -13.93 -14.57 -5.79
C SER C 256 -14.49 -13.20 -6.16
N HIS C 257 -15.66 -12.87 -5.61
CA HIS C 257 -16.15 -11.50 -5.64
C HIS C 257 -15.85 -10.84 -4.29
N ILE C 258 -15.52 -9.57 -4.28
CA ILE C 258 -15.26 -8.87 -3.01
C ILE C 258 -16.58 -8.52 -2.35
N GLY C 259 -16.84 -9.16 -1.22
CA GLY C 259 -18.06 -8.95 -0.46
C GLY C 259 -17.92 -7.93 0.63
N ARG C 260 -18.88 -7.03 0.73
CA ARG C 260 -18.93 -6.01 1.79
C ARG C 260 -20.24 -6.21 2.55
N VAL C 261 -20.14 -6.17 3.89
CA VAL C 261 -21.30 -6.25 4.76
C VAL C 261 -21.33 -5.00 5.61
N TRP C 262 -22.47 -4.31 5.56
CA TRP C 262 -22.70 -3.08 6.35
C TRP C 262 -23.83 -3.29 7.33
N GLY C 263 -23.82 -2.49 8.40
CA GLY C 263 -24.87 -2.51 9.41
C GLY C 263 -24.73 -3.55 10.49
N ASP C 264 -23.61 -4.29 10.53
CA ASP C 264 -23.45 -5.40 11.49
C ASP C 264 -22.43 -5.07 12.56
N ASP C 265 -22.56 -3.88 13.14
CA ASP C 265 -21.53 -3.31 14.00
C ASP C 265 -21.33 -4.05 15.31
N GLU C 266 -22.32 -4.80 15.78
CA GLU C 266 -22.17 -5.48 17.07
C GLU C 266 -21.46 -6.82 16.98
N VAL C 267 -21.14 -7.26 15.77
CA VAL C 267 -20.43 -8.49 15.52
C VAL C 267 -18.96 -8.16 15.30
N SER C 268 -18.07 -8.93 15.94
CA SER C 268 -16.64 -8.64 15.95
C SER C 268 -16.00 -8.91 14.57
N PHE C 269 -14.86 -8.28 14.36
CA PHE C 269 -14.10 -8.52 13.15
C PHE C 269 -13.72 -9.99 13.03
N ALA C 270 -13.30 -10.60 14.14
CA ALA C 270 -12.97 -12.02 14.10
C ALA C 270 -14.14 -12.89 13.59
N GLN C 271 -15.35 -12.58 14.05
N GLN C 271 -15.36 -12.58 14.03
CA GLN C 271 -16.49 -13.34 13.56
CA GLN C 271 -16.55 -13.30 13.53
C GLN C 271 -16.76 -13.08 12.08
C GLN C 271 -16.75 -13.08 12.05
N HIS C 272 -16.63 -11.83 11.63
CA HIS C 272 -16.78 -11.53 10.22
C HIS C 272 -15.74 -12.24 9.32
N ILE C 273 -14.50 -12.37 9.85
CA ILE C 273 -13.48 -13.16 9.16
C ILE C 273 -13.94 -14.61 9.00
N ASN C 274 -14.46 -15.19 10.06
CA ASN C 274 -15.00 -16.56 9.98
CA ASN C 274 -15.00 -16.54 10.02
C ASN C 274 -16.12 -16.71 9.00
N GLN C 275 -16.90 -15.64 8.81
CA GLN C 275 -18.02 -15.61 7.88
C GLN C 275 -17.64 -15.23 6.44
N LYS C 276 -16.34 -15.16 6.17
CA LYS C 276 -15.82 -14.97 4.81
C LYS C 276 -16.22 -13.64 4.18
N ILE C 277 -16.26 -12.60 5.02
CA ILE C 277 -16.57 -11.24 4.58
C ILE C 277 -15.29 -10.48 4.29
N ASN C 278 -15.12 -10.01 3.06
CA ASN C 278 -13.92 -9.24 2.73
C ASN C 278 -13.89 -7.88 3.40
N LEU C 279 -15.00 -7.14 3.35
CA LEU C 279 -15.05 -5.76 3.81
C LEU C 279 -16.16 -5.65 4.85
N SER C 280 -15.81 -5.50 6.12
CA SER C 280 -16.80 -5.37 7.20
C SER C 280 -16.88 -3.92 7.59
N ALA C 281 -17.98 -3.26 7.24
CA ALA C 281 -18.13 -1.81 7.44
C ALA C 281 -18.61 -1.49 8.83
N TYR C 282 -17.83 -0.67 9.54
CA TYR C 282 -18.15 -0.23 10.90
C TYR C 282 -18.12 1.27 11.01
N TYR C 283 -19.14 1.83 11.68
CA TYR C 283 -19.08 3.24 12.01
C TYR C 283 -17.86 3.55 12.86
N ARG C 284 -17.63 2.71 13.89
CA ARG C 284 -16.50 2.87 14.83
C ARG C 284 -15.39 1.90 14.40
N PHE C 285 -14.78 2.23 13.27
CA PHE C 285 -13.79 1.32 12.65
C PHE C 285 -12.54 1.12 13.50
N ALA C 286 -12.08 2.19 14.17
CA ALA C 286 -10.80 2.09 14.88
C ALA C 286 -10.91 1.12 16.05
N ALA C 287 -12.12 0.99 16.61
CA ALA C 287 -12.37 0.15 17.77
C ALA C 287 -12.36 -1.33 17.43
N GLN C 288 -12.33 -1.69 16.15
CA GLN C 288 -12.36 -3.08 15.73
C GLN C 288 -10.97 -3.59 15.43
N SER C 289 -10.74 -4.84 15.77
CA SER C 289 -9.50 -5.54 15.45
C SER C 289 -9.68 -7.00 15.76
N ALA C 290 -8.79 -7.81 15.21
CA ALA C 290 -8.71 -9.24 15.53
C ALA C 290 -7.25 -9.60 15.63
N GLY C 291 -6.83 -10.11 16.78
CA GLY C 291 -5.43 -10.35 17.01
C GLY C 291 -4.55 -9.12 16.82
N GLY C 292 -5.11 -7.95 17.09
CA GLY C 292 -4.38 -6.68 16.93
C GLY C 292 -4.39 -6.09 15.52
N TYR C 293 -5.07 -6.76 14.60
CA TYR C 293 -5.06 -6.38 13.18
C TYR C 293 -6.42 -5.94 12.69
N ARG C 294 -6.41 -5.01 11.72
CA ARG C 294 -7.63 -4.65 10.98
C ARG C 294 -7.64 -5.18 9.55
N ILE C 295 -6.56 -5.83 9.12
CA ILE C 295 -6.49 -6.47 7.81
C ILE C 295 -5.77 -7.79 8.06
N ARG C 296 -6.39 -8.90 7.66
CA ARG C 296 -5.86 -10.25 7.86
C ARG C 296 -6.28 -11.16 6.71
N PRO C 297 -5.47 -12.15 6.30
CA PRO C 297 -6.03 -13.23 5.50
C PRO C 297 -7.14 -13.96 6.24
N PHE C 298 -8.09 -14.53 5.53
CA PHE C 298 -9.10 -15.38 6.14
C PHE C 298 -8.52 -16.55 6.86
N ALA D 1 -33.84 -4.14 -58.23
CA ALA D 1 -34.41 -5.40 -58.79
C ALA D 1 -34.69 -6.45 -57.66
N GLN D 2 -35.59 -6.07 -56.78
CA GLN D 2 -36.18 -6.96 -55.77
C GLN D 2 -36.75 -8.24 -56.44
N GLU D 3 -36.40 -9.45 -55.98
CA GLU D 3 -36.85 -10.70 -56.64
C GLU D 3 -38.36 -10.90 -56.43
N SER D 4 -38.95 -11.78 -57.24
CA SER D 4 -40.38 -12.01 -57.14
C SER D 4 -40.86 -13.45 -57.42
N PRO D 5 -40.22 -14.46 -56.79
CA PRO D 5 -40.81 -15.81 -56.90
C PRO D 5 -42.20 -15.83 -56.22
N ALA D 6 -43.14 -16.64 -56.73
CA ALA D 6 -44.50 -16.65 -56.23
C ALA D 6 -44.64 -17.02 -54.78
N PHE D 7 -43.67 -17.78 -54.23
CA PHE D 7 -43.75 -18.24 -52.86
C PHE D 7 -43.52 -17.13 -51.83
N ILE D 8 -43.08 -15.94 -52.27
CA ILE D 8 -42.87 -14.80 -51.37
C ILE D 8 -44.05 -13.85 -51.46
N ASP D 9 -44.77 -13.66 -50.35
CA ASP D 9 -45.82 -12.65 -50.30
C ASP D 9 -45.16 -11.29 -50.47
N PRO D 10 -45.53 -10.50 -51.48
CA PRO D 10 -44.89 -9.21 -51.67
C PRO D 10 -44.95 -8.31 -50.45
N ALA D 11 -45.94 -8.47 -49.58
CA ALA D 11 -46.08 -7.64 -48.40
C ALA D 11 -44.86 -7.86 -47.47
N SER D 12 -44.12 -8.94 -47.66
CA SER D 12 -42.93 -9.26 -46.85
C SER D 12 -41.87 -8.19 -47.00
N TRP D 13 -41.74 -7.60 -48.17
CA TRP D 13 -40.59 -6.71 -48.43
C TRP D 13 -40.53 -5.50 -47.51
N ASN D 14 -41.70 -4.93 -47.20
CA ASN D 14 -41.76 -3.76 -46.33
C ASN D 14 -41.87 -4.12 -44.86
N THR D 15 -41.79 -5.42 -44.52
CA THR D 15 -41.99 -5.88 -43.15
C THR D 15 -40.63 -6.08 -42.49
N PRO D 16 -40.47 -5.62 -41.22
CA PRO D 16 -39.28 -5.99 -40.47
C PRO D 16 -39.04 -7.49 -40.48
N PHE D 17 -37.79 -7.89 -40.53
CA PHE D 17 -37.47 -9.34 -40.65
C PHE D 17 -38.10 -10.16 -39.54
N ASN D 18 -38.14 -9.61 -38.33
CA ASN D 18 -38.77 -10.30 -37.21
C ASN D 18 -40.27 -10.44 -37.31
N GLY D 19 -40.89 -9.70 -38.21
CA GLY D 19 -42.34 -9.83 -38.47
C GLY D 19 -42.69 -10.74 -39.61
N ILE D 20 -41.73 -11.50 -40.13
CA ILE D 20 -41.91 -12.38 -41.28
C ILE D 20 -41.85 -13.82 -40.85
N ALA D 21 -42.83 -14.60 -41.28
CA ALA D 21 -42.89 -16.07 -41.11
C ALA D 21 -42.38 -16.74 -42.36
N GLN D 22 -41.64 -17.83 -42.16
CA GLN D 22 -41.04 -18.58 -43.25
C GLN D 22 -41.16 -20.06 -43.03
N VAL D 23 -41.32 -20.78 -44.15
CA VAL D 23 -40.98 -22.19 -44.23
C VAL D 23 -39.49 -22.30 -44.39
N ALA D 24 -38.87 -23.09 -43.51
CA ALA D 24 -37.44 -23.38 -43.57
C ALA D 24 -37.21 -24.84 -43.87
N CYS D 25 -36.03 -25.18 -44.37
CA CYS D 25 -35.72 -26.62 -44.48
C CYS D 25 -35.31 -27.19 -43.13
N HIS D 26 -35.27 -28.51 -43.07
CA HIS D 26 -34.64 -29.20 -41.95
C HIS D 26 -33.62 -30.16 -42.54
N ASN D 27 -32.35 -29.87 -42.28
CA ASN D 27 -31.26 -30.76 -42.74
C ASN D 27 -31.23 -30.97 -44.25
N CYS D 28 -31.50 -29.88 -44.99
CA CYS D 28 -31.63 -30.03 -46.46
C CYS D 28 -30.32 -30.21 -47.21
N TYR D 29 -29.19 -30.27 -46.51
CA TYR D 29 -27.91 -30.73 -47.08
C TYR D 29 -27.94 -32.24 -47.35
N GLU D 30 -28.88 -32.97 -46.78
CA GLU D 30 -28.96 -34.41 -47.00
C GLU D 30 -29.57 -34.73 -48.37
N LYS D 31 -28.95 -35.67 -49.05
CA LYS D 31 -29.37 -36.10 -50.37
C LYS D 31 -30.85 -36.55 -50.36
N GLN D 32 -31.34 -37.12 -49.24
CA GLN D 32 -32.74 -37.60 -49.15
C GLN D 32 -33.77 -36.47 -49.19
N TYR D 33 -33.35 -35.22 -48.93
CA TYR D 33 -34.28 -34.10 -48.90
C TYR D 33 -34.19 -33.15 -50.09
N ALA D 34 -33.10 -33.21 -50.85
CA ALA D 34 -32.95 -32.36 -52.03
C ALA D 34 -31.84 -32.93 -52.87
N ASN D 35 -31.98 -32.80 -54.19
CA ASN D 35 -30.99 -33.34 -55.10
C ASN D 35 -29.66 -32.57 -55.08
N THR D 36 -29.76 -31.25 -54.88
CA THR D 36 -28.59 -30.39 -54.71
C THR D 36 -28.91 -29.39 -53.61
N PHE D 37 -27.89 -28.91 -52.91
CA PHE D 37 -28.14 -27.90 -51.88
C PHE D 37 -28.71 -26.63 -52.51
N SER D 38 -28.14 -26.24 -53.65
N SER D 38 -28.16 -26.26 -53.67
CA SER D 38 -28.59 -25.01 -54.31
CA SER D 38 -28.60 -25.06 -54.38
C SER D 38 -30.07 -25.07 -54.72
C SER D 38 -30.08 -25.09 -54.71
N SER D 39 -30.55 -26.27 -55.09
CA SER D 39 -31.95 -26.43 -55.52
C SER D 39 -32.96 -26.06 -54.43
N VAL D 40 -32.55 -26.14 -53.16
CA VAL D 40 -33.42 -25.78 -52.05
C VAL D 40 -33.92 -24.32 -52.21
N LEU D 41 -33.06 -23.47 -52.75
CA LEU D 41 -33.37 -22.05 -52.94
C LEU D 41 -34.42 -21.83 -54.06
N ASP D 42 -34.81 -22.89 -54.78
CA ASP D 42 -35.99 -22.78 -55.64
C ASP D 42 -37.31 -22.67 -54.83
N SER D 43 -37.26 -23.03 -53.54
CA SER D 43 -38.45 -23.14 -52.72
C SER D 43 -38.50 -22.32 -51.42
N VAL D 44 -37.34 -22.11 -50.78
CA VAL D 44 -37.29 -21.41 -49.50
C VAL D 44 -36.03 -20.53 -49.45
N ARG D 45 -35.94 -19.73 -48.39
CA ARG D 45 -34.81 -18.82 -48.17
C ARG D 45 -34.09 -19.10 -46.85
N THR D 46 -34.39 -20.24 -46.19
CA THR D 46 -33.74 -20.61 -44.92
C THR D 46 -33.34 -22.07 -45.03
N LEU D 47 -32.03 -22.29 -44.92
CA LEU D 47 -31.39 -23.57 -45.18
C LEU D 47 -30.62 -24.01 -43.92
N GLU D 48 -30.04 -25.21 -43.96
CA GLU D 48 -29.37 -25.80 -42.77
C GLU D 48 -28.19 -26.67 -43.22
N LEU D 49 -27.10 -26.57 -42.44
CA LEU D 49 -25.91 -27.39 -42.60
C LEU D 49 -25.47 -27.92 -41.26
N ASP D 50 -25.24 -29.23 -41.18
CA ASP D 50 -24.65 -29.88 -39.99
C ASP D 50 -23.16 -29.99 -40.22
N PHE D 51 -22.36 -29.42 -39.32
CA PHE D 51 -20.92 -29.32 -39.58
C PHE D 51 -20.08 -29.90 -38.46
N TRP D 52 -19.04 -30.61 -38.88
CA TRP D 52 -18.19 -31.42 -38.00
C TRP D 52 -16.75 -30.98 -38.12
N ASP D 53 -16.07 -30.99 -37.00
CA ASP D 53 -14.62 -30.73 -36.99
C ASP D 53 -13.79 -31.88 -37.58
N GLN D 54 -14.20 -33.09 -37.22
N GLN D 54 -14.18 -33.09 -37.25
CA GLN D 54 -13.43 -34.30 -37.49
CA GLN D 54 -13.35 -34.21 -37.59
C GLN D 54 -14.05 -35.04 -38.66
C GLN D 54 -14.00 -35.03 -38.68
N ARG D 55 -13.22 -35.88 -39.31
CA ARG D 55 -13.71 -36.79 -40.34
C ARG D 55 -14.69 -37.81 -39.74
N ASP D 56 -14.42 -38.25 -38.52
CA ASP D 56 -15.31 -39.12 -37.76
C ASP D 56 -15.56 -38.49 -36.42
N ALA D 57 -15.76 -39.29 -35.36
CA ALA D 57 -16.03 -38.73 -34.05
C ALA D 57 -14.77 -38.15 -33.37
N VAL D 58 -13.57 -38.50 -33.84
CA VAL D 58 -12.39 -38.29 -33.05
C VAL D 58 -11.12 -37.98 -33.83
N SER D 59 -11.17 -37.94 -35.15
CA SER D 59 -9.95 -37.89 -35.94
C SER D 59 -10.18 -37.25 -37.28
N GLY D 60 -9.08 -36.79 -37.87
CA GLY D 60 -9.11 -36.38 -39.26
C GLY D 60 -9.44 -34.94 -39.53
N GLY D 61 -9.53 -34.12 -38.50
CA GLY D 61 -9.71 -32.67 -38.80
C GLY D 61 -8.48 -32.00 -39.42
N SER D 62 -8.70 -30.84 -40.04
CA SER D 62 -7.64 -29.98 -40.56
C SER D 62 -7.97 -28.53 -40.22
N PRO D 63 -6.95 -27.65 -40.20
CA PRO D 63 -7.21 -26.26 -39.81
C PRO D 63 -8.12 -25.58 -40.82
N HIS D 64 -8.96 -24.67 -40.32
CA HIS D 64 -9.69 -23.74 -41.20
C HIS D 64 -10.67 -24.48 -42.10
N HIS D 65 -11.13 -25.64 -41.67
CA HIS D 65 -11.95 -26.56 -42.48
C HIS D 65 -12.92 -27.26 -41.58
N TRP D 66 -14.12 -27.50 -42.10
CA TRP D 66 -15.09 -28.35 -41.43
C TRP D 66 -15.78 -29.23 -42.50
N PHE D 67 -16.26 -30.38 -42.04
CA PHE D 67 -17.02 -31.33 -42.86
C PHE D 67 -18.52 -31.05 -42.73
N VAL D 68 -19.29 -31.52 -43.72
CA VAL D 68 -20.74 -31.50 -43.64
C VAL D 68 -21.29 -32.90 -43.86
N ARG D 69 -21.98 -33.41 -42.85
CA ARG D 69 -22.60 -34.75 -42.90
C ARG D 69 -23.59 -34.85 -41.76
N HIS D 70 -24.40 -35.90 -41.78
CA HIS D 70 -25.38 -36.11 -40.74
C HIS D 70 -24.83 -36.93 -39.56
N ASN D 71 -24.12 -38.01 -39.85
CA ASN D 71 -23.74 -38.99 -38.82
C ASN D 71 -22.34 -38.73 -38.28
N PRO D 72 -22.03 -39.28 -37.11
CA PRO D 72 -20.65 -39.08 -36.61
C PRO D 72 -19.57 -39.65 -37.47
N GLY D 73 -19.85 -40.75 -38.14
CA GLY D 73 -18.88 -41.37 -39.08
C GLY D 73 -18.11 -42.57 -38.53
N THR D 74 -18.53 -43.06 -37.37
CA THR D 74 -17.96 -44.27 -36.77
C THR D 74 -18.46 -45.53 -37.46
N LEU D 75 -19.77 -45.53 -37.75
CA LEU D 75 -20.45 -46.66 -38.40
C LEU D 75 -20.96 -46.34 -39.81
N PHE D 76 -21.50 -45.14 -39.98
CA PHE D 76 -21.98 -44.61 -41.27
C PHE D 76 -20.92 -43.74 -41.98
N GLN D 77 -21.29 -43.15 -43.12
CA GLN D 77 -20.36 -42.38 -43.93
C GLN D 77 -19.78 -41.26 -43.10
N SER D 78 -18.46 -41.33 -43.07
CA SER D 78 -17.64 -40.29 -42.49
C SER D 78 -17.30 -39.18 -43.50
N GLY D 79 -16.56 -38.18 -43.05
CA GLY D 79 -16.11 -37.13 -43.95
C GLY D 79 -17.26 -36.23 -44.38
N ASN D 80 -17.45 -36.10 -45.68
CA ASN D 80 -18.57 -35.31 -46.23
C ASN D 80 -19.61 -36.23 -46.79
N ASP D 81 -20.86 -35.95 -46.49
CA ASP D 81 -21.99 -36.75 -47.00
C ASP D 81 -23.13 -35.75 -47.14
N ASN D 82 -23.29 -35.18 -48.33
CA ASN D 82 -24.22 -34.09 -48.53
C ASN D 82 -24.43 -33.88 -50.04
N ASN D 83 -25.33 -32.95 -50.34
CA ASN D 83 -25.74 -32.61 -51.69
C ASN D 83 -25.13 -31.31 -52.20
N CYS D 84 -24.07 -30.85 -51.56
CA CYS D 84 -23.36 -29.66 -52.03
C CYS D 84 -22.43 -29.98 -53.20
N THR D 85 -22.03 -28.96 -53.93
CA THR D 85 -21.07 -29.13 -55.03
C THR D 85 -19.81 -29.83 -54.55
N GLY D 86 -19.41 -30.84 -55.33
CA GLY D 86 -18.28 -31.72 -55.01
C GLY D 86 -18.73 -33.07 -54.36
N GLY D 90 -15.23 -36.14 -52.66
CA GLY D 90 -15.03 -36.02 -51.23
C GLY D 90 -14.72 -34.63 -50.72
N LYS D 91 -14.70 -33.63 -51.61
CA LYS D 91 -14.29 -32.23 -51.32
C LYS D 91 -15.51 -31.26 -51.12
N ASN D 92 -16.68 -31.85 -51.02
CA ASN D 92 -17.91 -31.10 -50.71
C ASN D 92 -17.98 -30.85 -49.19
N ASP D 93 -17.13 -29.95 -48.73
CA ASP D 93 -17.00 -29.59 -47.33
C ASP D 93 -17.87 -28.39 -46.96
N LEU D 94 -17.70 -27.88 -45.75
CA LEU D 94 -18.47 -26.72 -45.34
C LEU D 94 -18.27 -25.55 -46.28
N GLU D 95 -17.01 -25.27 -46.61
CA GLU D 95 -16.72 -24.16 -47.49
C GLU D 95 -17.45 -24.31 -48.83
N ALA D 96 -17.47 -25.54 -49.37
CA ALA D 96 -18.17 -25.80 -50.65
C ALA D 96 -19.66 -25.51 -50.51
N CYS D 97 -20.26 -25.98 -49.44
CA CYS D 97 -21.70 -25.72 -49.21
C CYS D 97 -22.00 -24.23 -49.09
N LEU D 98 -21.15 -23.52 -48.34
CA LEU D 98 -21.30 -22.07 -48.20
C LEU D 98 -21.15 -21.39 -49.55
N ASN D 99 -20.17 -21.83 -50.34
CA ASN D 99 -20.01 -21.26 -51.69
C ASN D 99 -21.20 -21.51 -52.59
N ASP D 100 -21.90 -22.64 -52.41
CA ASP D 100 -23.13 -22.84 -53.19
C ASP D 100 -24.15 -21.73 -52.91
N VAL D 101 -24.28 -21.33 -51.65
CA VAL D 101 -25.15 -20.22 -51.28
C VAL D 101 -24.65 -18.89 -51.84
N LYS D 102 -23.36 -18.64 -51.67
CA LYS D 102 -22.73 -17.43 -52.19
C LYS D 102 -22.98 -17.28 -53.71
N ASN D 103 -22.75 -18.38 -54.43
CA ASN D 103 -22.91 -18.37 -55.88
C ASN D 103 -24.37 -18.16 -56.28
N TRP D 104 -25.29 -18.79 -55.57
CA TRP D 104 -26.72 -18.58 -55.86
C TRP D 104 -27.05 -17.09 -55.64
N SER D 105 -26.55 -16.56 -54.52
CA SER D 105 -26.78 -15.15 -54.20
C SER D 105 -26.27 -14.24 -55.33
N ASP D 106 -25.05 -14.46 -55.81
CA ASP D 106 -24.51 -13.65 -56.89
C ASP D 106 -25.37 -13.71 -58.16
N LYS D 107 -25.97 -14.86 -58.41
CA LYS D 107 -26.84 -15.06 -59.58
C LYS D 107 -28.26 -14.50 -59.41
N HIS D 108 -28.62 -14.08 -58.21
CA HIS D 108 -29.97 -13.58 -57.89
C HIS D 108 -29.89 -12.26 -57.14
N PRO D 109 -29.34 -11.22 -57.77
CA PRO D 109 -29.34 -9.91 -57.14
C PRO D 109 -30.75 -9.51 -56.74
N GLY D 110 -30.85 -8.87 -55.59
CA GLY D 110 -32.12 -8.46 -55.07
C GLY D 110 -32.87 -9.55 -54.31
N HIS D 111 -32.20 -10.65 -53.99
CA HIS D 111 -32.89 -11.74 -53.33
C HIS D 111 -33.31 -11.38 -51.92
N PHE D 112 -34.40 -12.01 -51.51
CA PHE D 112 -34.83 -11.98 -50.11
C PHE D 112 -33.68 -12.52 -49.25
N PRO D 113 -33.44 -11.95 -48.07
CA PRO D 113 -32.30 -12.41 -47.27
C PRO D 113 -32.32 -13.92 -47.03
N ILE D 114 -31.17 -14.53 -47.13
CA ILE D 114 -31.00 -15.97 -46.89
C ILE D 114 -30.52 -16.16 -45.48
N THR D 115 -31.17 -17.08 -44.76
CA THR D 115 -30.75 -17.45 -43.41
C THR D 115 -30.19 -18.86 -43.46
N LEU D 116 -28.96 -19.03 -42.95
CA LEU D 116 -28.32 -20.36 -42.92
C LEU D 116 -28.14 -20.78 -41.48
N ILE D 117 -28.81 -21.89 -41.13
CA ILE D 117 -28.67 -22.52 -39.82
C ILE D 117 -27.46 -23.44 -39.85
N LEU D 118 -26.45 -23.07 -39.07
CA LEU D 118 -25.19 -23.80 -39.00
C LEU D 118 -25.21 -24.59 -37.71
N ASP D 119 -25.57 -25.87 -37.83
CA ASP D 119 -25.79 -26.76 -36.69
C ASP D 119 -24.48 -27.48 -36.40
N LYS D 120 -23.78 -26.96 -35.39
CA LYS D 120 -22.46 -27.44 -35.05
C LYS D 120 -22.57 -28.76 -34.27
N LYS D 121 -21.75 -29.74 -34.64
CA LYS D 121 -21.89 -31.09 -34.08
C LYS D 121 -20.82 -31.52 -33.12
N GLN D 122 -19.70 -30.79 -33.08
CA GLN D 122 -18.59 -31.06 -32.13
C GLN D 122 -18.21 -29.76 -31.42
N GLY D 123 -17.22 -29.83 -30.57
CA GLY D 123 -16.78 -28.69 -29.83
C GLY D 123 -15.85 -27.78 -30.63
N TRP D 124 -15.47 -26.68 -30.02
CA TRP D 124 -14.49 -25.78 -30.60
C TRP D 124 -13.09 -26.29 -30.38
N SER D 125 -12.16 -26.00 -31.28
CA SER D 125 -10.75 -26.29 -31.01
C SER D 125 -10.09 -25.12 -30.30
N LYS D 126 -8.88 -25.38 -29.81
CA LYS D 126 -7.96 -24.32 -29.40
C LYS D 126 -7.20 -23.76 -30.60
N GLU D 127 -6.44 -22.70 -30.37
CA GLU D 127 -5.81 -21.95 -31.45
C GLU D 127 -4.97 -22.84 -32.33
N SER D 128 -4.20 -23.73 -31.71
CA SER D 128 -3.27 -24.55 -32.44
C SER D 128 -3.88 -25.40 -33.55
N SER D 129 -5.13 -25.81 -33.40
CA SER D 129 -5.77 -26.65 -34.40
C SER D 129 -6.60 -25.89 -35.46
N GLY D 130 -6.72 -24.57 -35.33
CA GLY D 130 -7.26 -23.81 -36.45
C GLY D 130 -8.77 -23.84 -36.64
N ARG D 131 -9.49 -24.24 -35.59
CA ARG D 131 -10.96 -24.33 -35.64
C ARG D 131 -11.60 -23.69 -34.40
N THR D 132 -11.04 -22.54 -34.04
CA THR D 132 -11.63 -21.71 -32.97
C THR D 132 -12.85 -20.93 -33.50
N PRO D 133 -13.59 -20.29 -32.59
CA PRO D 133 -14.61 -19.32 -33.03
C PRO D 133 -14.07 -18.31 -34.01
N LYS D 134 -12.89 -17.78 -33.76
CA LYS D 134 -12.32 -16.80 -34.69
C LYS D 134 -12.05 -17.39 -36.08
N ASP D 135 -11.50 -18.60 -36.11
CA ASP D 135 -11.29 -19.27 -37.40
C ASP D 135 -12.59 -19.48 -38.15
N PHE D 136 -13.65 -19.82 -37.43
CA PHE D 136 -14.95 -20.01 -38.06
C PHE D 136 -15.46 -18.70 -38.65
N ASP D 137 -15.37 -17.63 -37.87
CA ASP D 137 -15.76 -16.32 -38.36
C ASP D 137 -14.94 -15.94 -39.59
N GLU D 138 -13.65 -16.26 -39.60
CA GLU D 138 -12.82 -15.89 -40.74
C GLU D 138 -13.24 -16.65 -41.98
N LEU D 139 -13.60 -17.92 -41.85
CA LEU D 139 -14.09 -18.69 -42.98
C LEU D 139 -15.35 -18.06 -43.55
N VAL D 140 -16.35 -17.82 -42.69
CA VAL D 140 -17.62 -17.38 -43.24
C VAL D 140 -17.51 -15.98 -43.82
N ALA D 141 -16.67 -15.15 -43.23
CA ALA D 141 -16.41 -13.80 -43.77
C ALA D 141 -15.70 -13.87 -45.11
N ARG D 142 -14.75 -14.79 -45.23
CA ARG D 142 -14.02 -14.92 -46.51
C ARG D 142 -14.96 -15.35 -47.63
N VAL D 143 -15.88 -16.28 -47.33
CA VAL D 143 -16.82 -16.73 -48.35
C VAL D 143 -17.82 -15.62 -48.69
N PHE D 144 -18.49 -15.06 -47.69
CA PHE D 144 -19.65 -14.19 -47.94
C PHE D 144 -19.33 -12.71 -48.07
N GLN D 145 -18.20 -12.29 -47.51
CA GLN D 145 -17.73 -10.88 -47.62
C GLN D 145 -18.87 -9.96 -47.18
N GLY D 146 -19.20 -8.98 -48.00
CA GLY D 146 -20.15 -7.97 -47.62
C GLY D 146 -21.59 -8.41 -47.67
N LYS D 147 -21.86 -9.67 -48.03
CA LYS D 147 -23.20 -10.17 -47.99
C LYS D 147 -23.72 -10.36 -46.57
N LEU D 148 -22.84 -10.49 -45.57
CA LEU D 148 -23.31 -10.82 -44.23
C LEU D 148 -24.02 -9.64 -43.58
N PHE D 149 -25.08 -10.00 -42.86
CA PHE D 149 -25.73 -9.14 -41.87
C PHE D 149 -25.48 -9.82 -40.53
N THR D 150 -24.85 -9.12 -39.59
CA THR D 150 -24.29 -9.70 -38.38
C THR D 150 -24.93 -9.11 -37.13
N PRO D 151 -24.64 -9.72 -35.95
CA PRO D 151 -25.12 -9.13 -34.69
C PRO D 151 -24.78 -7.65 -34.53
N GLN D 152 -23.57 -7.26 -34.84
N GLN D 152 -23.56 -7.24 -34.95
CA GLN D 152 -23.23 -5.86 -34.66
CA GLN D 152 -23.12 -5.82 -34.85
C GLN D 152 -24.07 -4.98 -35.61
C GLN D 152 -24.00 -4.92 -35.70
N ASP D 153 -24.36 -5.42 -36.86
CA ASP D 153 -25.22 -4.67 -37.76
C ASP D 153 -26.60 -4.48 -37.10
N LEU D 154 -27.13 -5.54 -36.49
CA LEU D 154 -28.42 -5.42 -35.82
C LEU D 154 -28.36 -4.48 -34.62
N ALA D 155 -27.31 -4.65 -33.82
CA ALA D 155 -27.15 -3.83 -32.62
C ALA D 155 -27.09 -2.35 -32.96
N THR D 156 -26.32 -2.00 -33.97
CA THR D 156 -26.24 -0.64 -34.40
C THR D 156 -27.57 -0.16 -34.95
N HIS D 157 -28.29 -1.01 -35.66
CA HIS D 157 -29.62 -0.65 -36.18
C HIS D 157 -30.55 -0.17 -35.07
N ILE D 158 -30.48 -0.82 -33.91
CA ILE D 158 -31.38 -0.49 -32.79
C ILE D 158 -30.74 0.40 -31.73
N GLY D 159 -29.49 0.83 -31.94
CA GLY D 159 -28.83 1.69 -30.92
C GLY D 159 -28.40 1.00 -29.64
N SER D 160 -28.02 -0.26 -29.75
CA SER D 160 -27.61 -1.07 -28.62
C SER D 160 -26.18 -1.50 -28.79
N GLY D 161 -25.53 -1.80 -27.68
CA GLY D 161 -24.36 -2.67 -27.74
C GLY D 161 -24.78 -4.06 -28.17
N ALA D 162 -23.91 -4.79 -28.87
CA ALA D 162 -24.27 -6.16 -29.28
C ALA D 162 -24.52 -7.04 -28.07
N GLY D 163 -23.81 -6.80 -26.97
CA GLY D 163 -24.01 -7.58 -25.75
C GLY D 163 -25.26 -7.28 -24.97
N ALA D 164 -26.06 -6.35 -25.49
CA ALA D 164 -27.35 -5.99 -24.89
C ALA D 164 -28.50 -6.23 -25.86
N LEU D 165 -28.24 -6.95 -26.94
CA LEU D 165 -29.32 -7.31 -27.86
C LEU D 165 -30.48 -8.04 -27.17
N GLN D 166 -30.12 -8.92 -26.24
CA GLN D 166 -31.11 -9.81 -25.63
C GLN D 166 -32.34 -9.07 -25.22
N GLY D 167 -32.15 -8.05 -24.37
CA GLY D 167 -33.25 -7.27 -23.84
C GLY D 167 -33.57 -6.02 -24.65
N ASN D 168 -32.58 -5.44 -25.31
CA ASN D 168 -32.85 -4.18 -26.05
C ASN D 168 -33.65 -4.41 -27.32
N LEU D 169 -33.65 -5.64 -27.83
CA LEU D 169 -34.50 -5.94 -28.99
C LEU D 169 -35.98 -5.85 -28.67
N LYS D 170 -36.39 -6.04 -27.42
CA LYS D 170 -37.81 -6.06 -27.10
C LYS D 170 -38.46 -4.71 -27.52
N GLY D 171 -39.51 -4.79 -28.29
CA GLY D 171 -40.20 -3.60 -28.77
C GLY D 171 -39.63 -3.01 -30.05
N LYS D 172 -38.58 -3.63 -30.59
CA LYS D 172 -37.86 -3.04 -31.72
C LYS D 172 -38.03 -3.86 -32.98
N SER D 173 -37.85 -3.19 -34.12
CA SER D 173 -37.87 -3.80 -35.43
C SER D 173 -36.49 -4.06 -35.99
N TRP D 174 -36.29 -5.28 -36.52
CA TRP D 174 -35.17 -5.53 -37.37
C TRP D 174 -35.34 -4.75 -38.69
N PRO D 175 -34.24 -4.63 -39.47
CA PRO D 175 -34.40 -4.11 -40.83
C PRO D 175 -35.41 -4.94 -41.62
N THR D 176 -36.03 -4.28 -42.60
CA THR D 176 -37.01 -4.96 -43.43
C THR D 176 -36.34 -5.94 -44.38
N ALA D 177 -37.13 -6.81 -44.97
CA ALA D 177 -36.60 -7.67 -46.02
C ALA D 177 -36.02 -6.85 -47.17
N ASN D 178 -36.69 -5.74 -47.54
CA ASN D 178 -36.12 -4.85 -48.52
C ASN D 178 -34.75 -4.31 -48.13
N ASP D 179 -34.64 -3.87 -46.89
CA ASP D 179 -33.36 -3.39 -46.37
C ASP D 179 -32.29 -4.48 -46.48
N LEU D 180 -32.70 -5.73 -46.31
CA LEU D 180 -31.81 -6.88 -46.28
C LEU D 180 -31.71 -7.61 -47.61
N GLN D 181 -32.09 -6.95 -48.71
CA GLN D 181 -31.96 -7.60 -50.00
C GLN D 181 -30.51 -7.96 -50.28
N GLY D 182 -30.31 -9.16 -50.78
CA GLY D 182 -28.98 -9.64 -51.11
C GLY D 182 -28.15 -10.04 -49.92
N LYS D 183 -28.71 -10.10 -48.71
CA LYS D 183 -27.94 -10.42 -47.51
C LYS D 183 -28.06 -11.88 -47.14
N VAL D 184 -27.09 -12.30 -46.33
CA VAL D 184 -27.01 -13.63 -45.73
C VAL D 184 -26.87 -13.44 -44.23
N LEU D 185 -27.70 -14.17 -43.48
CA LEU D 185 -27.66 -14.21 -42.01
C LEU D 185 -27.25 -15.61 -41.62
N LEU D 186 -26.25 -15.70 -40.74
CA LEU D 186 -25.75 -16.96 -40.28
C LEU D 186 -26.15 -17.19 -38.84
N VAL D 187 -26.56 -18.42 -38.52
CA VAL D 187 -27.11 -18.75 -37.21
C VAL D 187 -26.38 -19.98 -36.66
N LEU D 188 -25.95 -19.93 -35.41
CA LEU D 188 -25.28 -21.06 -34.78
C LEU D 188 -26.25 -21.82 -33.90
N ASN D 189 -26.34 -23.13 -34.13
CA ASN D 189 -27.01 -24.07 -33.24
C ASN D 189 -26.02 -25.11 -32.74
N HIS D 190 -26.39 -25.78 -31.65
CA HIS D 190 -25.63 -26.91 -31.10
C HIS D 190 -26.59 -27.58 -30.11
N SER D 191 -26.40 -28.86 -29.83
N SER D 191 -26.39 -28.87 -29.85
CA SER D 191 -27.20 -29.49 -28.78
CA SER D 191 -27.13 -29.54 -28.78
C SER D 191 -26.94 -28.89 -27.40
C SER D 191 -26.91 -28.96 -27.39
N GLU D 192 -25.74 -28.36 -27.18
CA GLU D 192 -25.33 -27.81 -25.90
C GLU D 192 -25.17 -26.31 -26.01
N ASN D 193 -25.96 -25.57 -25.23
CA ASN D 193 -25.81 -24.11 -25.21
C ASN D 193 -24.42 -23.66 -24.80
N GLN D 194 -23.71 -24.50 -24.06
CA GLN D 194 -22.35 -24.19 -23.69
C GLN D 194 -21.48 -23.82 -24.88
N LYS D 195 -21.68 -24.49 -26.02
CA LYS D 195 -20.84 -24.21 -27.19
C LYS D 195 -21.17 -22.83 -27.78
N LEU D 196 -22.43 -22.43 -27.68
CA LEU D 196 -22.83 -21.07 -28.10
C LEU D 196 -22.24 -20.05 -27.15
N SER D 197 -22.22 -20.38 -25.85
CA SER D 197 -21.67 -19.46 -24.87
C SER D 197 -20.17 -19.26 -25.12
N GLN D 198 -19.49 -20.34 -25.47
CA GLN D 198 -18.07 -20.25 -25.79
C GLN D 198 -17.82 -19.39 -27.00
N TYR D 199 -18.65 -19.54 -28.03
CA TYR D 199 -18.53 -18.73 -29.23
C TYR D 199 -18.71 -17.24 -28.90
N ALA D 200 -19.78 -16.91 -28.18
CA ALA D 200 -20.05 -15.51 -27.89
C ALA D 200 -18.98 -14.91 -26.96
N GLU D 201 -18.48 -15.66 -26.00
CA GLU D 201 -17.41 -15.15 -25.15
C GLU D 201 -16.15 -14.86 -25.95
N ALA D 202 -15.87 -15.70 -26.94
CA ALA D 202 -14.68 -15.52 -27.76
C ALA D 202 -14.83 -14.33 -28.71
N ARG D 203 -15.99 -14.17 -29.33
CA ARG D 203 -16.13 -13.20 -30.41
C ARG D 203 -16.78 -11.88 -30.04
N THR D 204 -17.57 -11.90 -28.97
CA THR D 204 -18.32 -10.72 -28.49
C THR D 204 -18.93 -9.95 -29.65
N SER D 205 -18.67 -8.65 -29.70
N SER D 205 -18.72 -8.65 -29.68
CA SER D 205 -19.33 -7.79 -30.71
CA SER D 205 -19.41 -7.83 -30.66
C SER D 205 -18.86 -8.00 -32.13
C SER D 205 -18.90 -8.03 -32.08
N LYS D 206 -17.75 -8.69 -32.27
CA LYS D 206 -17.23 -8.96 -33.59
C LYS D 206 -17.85 -10.17 -34.28
N ALA D 207 -18.68 -10.94 -33.55
CA ALA D 207 -19.23 -12.17 -34.08
C ALA D 207 -19.85 -11.99 -35.45
N LYS D 208 -19.55 -12.91 -36.35
CA LYS D 208 -20.19 -12.94 -37.67
C LYS D 208 -21.50 -13.71 -37.67
N VAL D 209 -21.74 -14.47 -36.61
CA VAL D 209 -22.85 -15.42 -36.57
C VAL D 209 -23.73 -15.12 -35.36
N PHE D 210 -25.04 -15.21 -35.56
CA PHE D 210 -26.02 -15.06 -34.48
C PHE D 210 -26.09 -16.37 -33.69
N ILE D 211 -25.98 -16.32 -32.37
CA ILE D 211 -26.22 -17.53 -31.58
C ILE D 211 -27.73 -17.71 -31.36
N SER D 212 -28.17 -18.96 -31.37
CA SER D 212 -29.58 -19.27 -31.17
C SER D 212 -29.70 -20.46 -30.23
N PRO D 213 -29.81 -20.19 -28.93
CA PRO D 213 -29.77 -21.28 -27.96
C PRO D 213 -31.03 -22.13 -27.95
N VAL D 214 -30.85 -23.37 -27.54
CA VAL D 214 -31.94 -24.27 -27.20
C VAL D 214 -32.78 -23.56 -26.14
N THR D 215 -34.08 -23.52 -26.38
CA THR D 215 -34.99 -22.72 -25.58
C THR D 215 -36.16 -23.56 -25.07
N ASN D 216 -36.35 -23.57 -23.75
CA ASN D 216 -37.44 -24.31 -23.13
C ASN D 216 -37.98 -23.59 -21.90
N GLY D 217 -37.73 -22.30 -21.80
CA GLY D 217 -38.25 -21.50 -20.70
C GLY D 217 -37.97 -20.04 -21.00
N GLN D 218 -38.66 -19.17 -20.29
CA GLN D 218 -38.53 -17.74 -20.50
C GLN D 218 -37.07 -17.27 -20.34
N ASN D 219 -36.37 -17.82 -19.35
CA ASN D 219 -35.00 -17.39 -19.10
C ASN D 219 -34.09 -17.65 -20.30
N ASP D 220 -34.43 -18.60 -21.16
CA ASP D 220 -33.61 -18.87 -22.35
C ASP D 220 -33.78 -17.79 -23.43
N ILE D 221 -34.84 -16.99 -23.30
CA ILE D 221 -35.07 -15.83 -24.16
C ILE D 221 -34.46 -14.58 -23.54
N SER D 222 -34.79 -14.31 -22.27
CA SER D 222 -34.60 -13.00 -21.68
C SER D 222 -33.83 -13.00 -20.38
N GLY D 223 -33.42 -14.16 -19.89
CA GLY D 223 -32.73 -14.24 -18.61
C GLY D 223 -31.33 -14.80 -18.79
N LYS D 224 -30.82 -15.42 -17.73
CA LYS D 224 -29.55 -16.14 -17.84
C LYS D 224 -29.87 -17.45 -18.51
N VAL D 225 -29.45 -17.58 -19.76
CA VAL D 225 -29.83 -18.73 -20.57
C VAL D 225 -29.25 -20.00 -20.00
N SER D 226 -30.03 -21.09 -20.04
CA SER D 226 -29.55 -22.38 -19.59
C SER D 226 -28.23 -22.72 -20.29
N GLY D 227 -27.21 -23.10 -19.53
CA GLY D 227 -25.94 -23.52 -20.08
C GLY D 227 -25.04 -22.41 -20.59
N MET D 228 -25.41 -21.14 -20.35
CA MET D 228 -24.59 -20.00 -20.81
C MET D 228 -24.30 -19.04 -19.67
N SER D 229 -23.25 -18.24 -19.88
CA SER D 229 -22.92 -17.15 -18.98
C SER D 229 -23.90 -15.98 -19.16
N SER D 230 -23.83 -15.05 -18.22
CA SER D 230 -24.56 -13.78 -18.39
C SER D 230 -24.11 -13.04 -19.62
N GLN D 231 -22.80 -12.93 -19.82
CA GLN D 231 -22.30 -12.24 -21.00
C GLN D 231 -22.92 -12.81 -22.27
N SER D 232 -22.84 -14.13 -22.43
CA SER D 232 -23.27 -14.73 -23.67
C SER D 232 -24.78 -14.61 -23.87
N SER D 233 -25.53 -14.70 -22.76
CA SER D 233 -26.97 -14.50 -22.79
C SER D 233 -27.33 -13.17 -23.42
N GLY D 234 -26.53 -12.14 -23.13
CA GLY D 234 -26.83 -10.81 -23.62
C GLY D 234 -26.77 -10.65 -25.14
N TYR D 235 -26.07 -11.56 -25.83
CA TYR D 235 -25.98 -11.53 -27.28
C TYR D 235 -27.14 -12.23 -27.98
N VAL D 236 -28.08 -12.81 -27.23
CA VAL D 236 -29.10 -13.66 -27.83
C VAL D 236 -30.16 -12.83 -28.54
N ALA D 237 -30.25 -13.01 -29.86
CA ALA D 237 -31.24 -12.36 -30.73
C ALA D 237 -32.08 -13.36 -31.51
N MET D 238 -31.89 -14.65 -31.20
CA MET D 238 -32.56 -15.75 -31.88
C MET D 238 -32.73 -16.87 -30.87
N ASN D 239 -33.74 -17.70 -31.08
CA ASN D 239 -34.03 -18.82 -30.18
C ASN D 239 -34.45 -20.05 -30.97
N ASN D 240 -33.97 -21.21 -30.54
N ASN D 240 -34.01 -21.21 -30.50
CA ASN D 240 -34.19 -22.50 -31.24
CA ASN D 240 -34.11 -22.51 -31.16
C ASN D 240 -35.02 -23.43 -30.37
C ASN D 240 -35.01 -23.44 -30.34
N MET D 241 -36.13 -23.89 -30.90
CA MET D 241 -37.09 -24.71 -30.17
CA MET D 241 -37.11 -24.71 -30.17
C MET D 241 -37.44 -25.99 -30.89
N GLY D 242 -37.43 -27.09 -30.15
CA GLY D 242 -38.02 -28.34 -30.64
C GLY D 242 -39.52 -28.29 -30.54
N LYS D 243 -40.16 -29.34 -31.07
CA LYS D 243 -41.60 -29.42 -31.15
CA LYS D 243 -41.59 -29.41 -31.13
C LYS D 243 -42.25 -29.17 -29.79
N GLY D 244 -41.73 -29.82 -28.76
CA GLY D 244 -42.34 -29.74 -27.44
C GLY D 244 -42.20 -28.39 -26.77
N ASP D 245 -41.33 -27.54 -27.30
CA ASP D 245 -41.01 -26.26 -26.72
C ASP D 245 -41.51 -25.07 -27.55
N LYS D 246 -42.30 -25.35 -28.58
CA LYS D 246 -42.69 -24.31 -29.54
C LYS D 246 -43.58 -23.22 -28.97
N SER D 247 -44.20 -23.47 -27.82
CA SER D 247 -44.97 -22.42 -27.16
C SER D 247 -44.14 -21.18 -26.86
N TRP D 248 -42.82 -21.38 -26.71
CA TRP D 248 -41.94 -20.25 -26.43
C TRP D 248 -41.75 -19.30 -27.60
N ALA D 249 -42.15 -19.72 -28.80
CA ALA D 249 -41.95 -18.86 -29.96
C ALA D 249 -42.73 -17.54 -29.81
N LYS D 250 -43.88 -17.58 -29.13
CA LYS D 250 -44.61 -16.34 -28.91
C LYS D 250 -43.80 -15.34 -28.12
N GLN D 251 -43.01 -15.82 -27.19
CA GLN D 251 -42.15 -14.93 -26.41
C GLN D 251 -40.88 -14.53 -27.17
N ALA D 252 -40.34 -15.40 -28.01
CA ALA D 252 -39.27 -14.95 -28.92
C ALA D 252 -39.81 -13.78 -29.77
N PHE D 253 -41.02 -13.96 -30.30
CA PHE D 253 -41.70 -12.93 -31.08
C PHE D 253 -41.83 -11.64 -30.27
N ALA D 254 -42.28 -11.77 -29.03
CA ALA D 254 -42.44 -10.58 -28.17
C ALA D 254 -41.15 -9.82 -27.94
N TYR D 255 -40.05 -10.58 -27.90
CA TYR D 255 -38.70 -10.02 -27.72
C TYR D 255 -37.99 -9.62 -29.01
N SER D 256 -38.66 -9.75 -30.17
CA SER D 256 -37.99 -9.52 -31.45
C SER D 256 -36.73 -10.36 -31.56
N HIS D 257 -36.80 -11.59 -31.06
CA HIS D 257 -35.78 -12.61 -31.38
C HIS D 257 -36.37 -13.51 -32.49
N ILE D 258 -35.50 -13.94 -33.41
CA ILE D 258 -35.97 -14.81 -34.50
C ILE D 258 -36.08 -16.22 -33.97
N GLY D 259 -37.31 -16.72 -33.91
CA GLY D 259 -37.58 -18.06 -33.39
C GLY D 259 -37.66 -19.10 -34.46
N ARG D 260 -37.02 -20.24 -34.25
CA ARG D 260 -37.06 -21.40 -35.16
C ARG D 260 -37.62 -22.58 -34.41
N VAL D 261 -38.55 -23.30 -35.04
CA VAL D 261 -39.12 -24.54 -34.48
C VAL D 261 -38.82 -25.68 -35.45
N TRP D 262 -38.24 -26.73 -34.93
CA TRP D 262 -37.93 -27.94 -35.71
C TRP D 262 -38.66 -29.14 -35.14
N GLY D 263 -38.84 -30.15 -36.00
CA GLY D 263 -39.45 -31.40 -35.60
C GLY D 263 -40.96 -31.42 -35.58
N ASP D 264 -41.60 -30.36 -36.09
CA ASP D 264 -43.05 -30.24 -35.99
C ASP D 264 -43.73 -30.34 -37.35
N ASP D 265 -43.30 -31.35 -38.11
CA ASP D 265 -43.63 -31.45 -39.54
C ASP D 265 -45.09 -31.67 -39.85
N GLU D 266 -45.84 -32.22 -38.92
CA GLU D 266 -47.25 -32.53 -39.17
C GLU D 266 -48.16 -31.34 -38.97
N VAL D 267 -47.62 -30.22 -38.50
CA VAL D 267 -48.37 -28.98 -38.30
C VAL D 267 -48.14 -28.07 -39.47
N SER D 268 -49.23 -27.47 -39.96
CA SER D 268 -49.18 -26.66 -41.17
C SER D 268 -48.46 -25.33 -40.95
N PHE D 269 -48.05 -24.77 -42.07
CA PHE D 269 -47.44 -23.43 -42.03
C PHE D 269 -48.45 -22.41 -41.46
N ALA D 270 -49.72 -22.50 -41.86
CA ALA D 270 -50.70 -21.57 -41.34
C ALA D 270 -50.79 -21.63 -39.83
N GLN D 271 -50.75 -22.82 -39.24
CA GLN D 271 -50.80 -22.93 -37.78
C GLN D 271 -49.53 -22.36 -37.17
N HIS D 272 -48.37 -22.68 -37.74
CA HIS D 272 -47.14 -22.11 -37.20
C HIS D 272 -47.11 -20.57 -37.26
N ILE D 273 -47.70 -20.01 -38.31
CA ILE D 273 -47.85 -18.55 -38.41
C ILE D 273 -48.67 -18.02 -37.22
N ASN D 274 -49.78 -18.70 -36.95
CA ASN D 274 -50.65 -18.29 -35.82
C ASN D 274 -49.89 -18.38 -34.50
N GLN D 275 -48.93 -19.30 -34.41
CA GLN D 275 -48.11 -19.57 -33.23
C GLN D 275 -46.86 -18.64 -33.17
N LYS D 276 -46.76 -17.68 -34.08
CA LYS D 276 -45.74 -16.62 -34.07
C LYS D 276 -44.33 -17.18 -34.22
N ILE D 277 -44.18 -18.22 -35.05
CA ILE D 277 -42.89 -18.83 -35.35
C ILE D 277 -42.28 -18.20 -36.60
N ASN D 278 -41.09 -17.62 -36.45
CA ASN D 278 -40.45 -17.05 -37.63
C ASN D 278 -40.00 -18.10 -38.65
N LEU D 279 -39.33 -19.15 -38.19
CA LEU D 279 -38.71 -20.15 -39.07
C LEU D 279 -39.24 -21.52 -38.69
N SER D 280 -40.11 -22.08 -39.55
CA SER D 280 -40.71 -23.40 -39.30
C SER D 280 -39.95 -24.39 -40.14
N ALA D 281 -39.16 -25.25 -39.50
CA ALA D 281 -38.28 -26.17 -40.23
C ALA D 281 -39.03 -27.46 -40.61
N TYR D 282 -39.03 -27.78 -41.90
CA TYR D 282 -39.66 -28.98 -42.43
C TYR D 282 -38.69 -29.77 -43.25
N TYR D 283 -38.68 -31.09 -43.05
CA TYR D 283 -37.96 -31.98 -43.97
C TYR D 283 -38.46 -31.81 -45.40
N ARG D 284 -39.79 -31.84 -45.55
N ARG D 284 -39.77 -31.87 -45.58
CA ARG D 284 -40.46 -31.70 -46.86
CA ARG D 284 -40.40 -31.74 -46.90
C ARG D 284 -40.95 -30.25 -47.02
C ARG D 284 -40.93 -30.30 -47.02
N PHE D 285 -39.99 -29.36 -47.16
CA PHE D 285 -40.26 -27.93 -47.18
C PHE D 285 -41.10 -27.49 -48.39
N ALA D 286 -40.87 -28.08 -49.55
CA ALA D 286 -41.58 -27.62 -50.75
C ALA D 286 -43.07 -27.90 -50.65
N ALA D 287 -43.45 -28.95 -49.91
CA ALA D 287 -44.85 -29.31 -49.73
C ALA D 287 -45.66 -28.36 -48.87
N GLN D 288 -44.99 -27.43 -48.18
CA GLN D 288 -45.65 -26.53 -47.27
C GLN D 288 -45.93 -25.21 -47.93
N SER D 289 -47.08 -24.63 -47.60
CA SER D 289 -47.41 -23.27 -47.99
C SER D 289 -48.65 -22.86 -47.23
N ALA D 290 -48.89 -21.55 -47.26
CA ALA D 290 -50.12 -20.95 -46.78
C ALA D 290 -50.57 -19.98 -47.86
N GLY D 291 -51.70 -20.21 -48.49
CA GLY D 291 -52.16 -19.28 -49.57
C GLY D 291 -51.19 -19.13 -50.75
N GLY D 292 -50.47 -20.21 -51.06
CA GLY D 292 -49.38 -20.23 -52.07
C GLY D 292 -48.02 -19.67 -51.63
N TYR D 293 -47.95 -19.19 -50.38
CA TYR D 293 -46.78 -18.53 -49.88
C TYR D 293 -46.01 -19.42 -48.91
N ARG D 294 -44.69 -19.35 -49.03
CA ARG D 294 -43.77 -19.90 -48.01
C ARG D 294 -43.07 -18.83 -47.20
N ILE D 295 -43.25 -17.55 -47.54
CA ILE D 295 -42.66 -16.44 -46.80
C ILE D 295 -43.75 -15.33 -46.80
N ARG D 296 -44.13 -14.88 -45.62
CA ARG D 296 -45.18 -13.87 -45.52
C ARG D 296 -45.16 -13.24 -44.17
N PRO D 297 -45.67 -12.00 -44.04
CA PRO D 297 -45.86 -11.44 -42.72
C PRO D 297 -46.77 -12.28 -41.86
N PHE D 298 -46.59 -12.24 -40.55
CA PHE D 298 -47.54 -12.87 -39.63
C PHE D 298 -48.95 -12.36 -39.78
#